data_6R6Y
#
_entry.id   6R6Y
#
_cell.length_a   77.335
_cell.length_b   74.192
_cell.length_c   91.634
_cell.angle_alpha   90.000
_cell.angle_beta   108.650
_cell.angle_gamma   90.000
#
_symmetry.space_group_name_H-M   'P 1 21 1'
#
loop_
_entity.id
_entity.type
_entity.pdbx_description
1 polymer 'Carbonic anhydrase 12'
2 non-polymer 'ZINC ION'
3 non-polymer 1,2-ETHANEDIOL
4 non-polymer 'DIMETHYL SULFOXIDE'
5 non-polymer 4-chloranyl-2-cyclohexylsulfanyl-~{N}-(2-hydroxyethyl)-5-sulfamoyl-benzamide
6 water water
#
_entity_poly.entity_id   1
_entity_poly.type   'polypeptide(L)'
_entity_poly.pdbx_seq_one_letter_code
;MSKWTYFGPDGENSWSKKYPSCGGLLQSPIDLHSDILQYDASLTPLEFQGYNLSANKQFLLTNNGHSVKLNLPSDMHIQG
LQSRYSATQLHLHWGNPNDPHGSEHTVSGQHFAAELHIVHYNSDLYPDASTASNKSEGLAVLAVLIEMGSFNPSYDKIFS
HLQHVKYKGQEAFVPGFNIEELLPERTAEYYRYRGSLTTPPCNPTVLWTVFRNPVQISQEQLLALETALYCTHMDDPSPR
EMINNFRQVQKFDERLVYTSFSQ
;
_entity_poly.pdbx_strand_id   A,B,C,D
#
# COMPACT_ATOMS: atom_id res chain seq x y z
N LYS A 3 -19.40 27.28 10.34
N LYS A 3 -21.16 27.56 10.23
CA LYS A 3 -19.62 26.75 8.98
CA LYS A 3 -20.40 26.65 9.33
C LYS A 3 -19.63 25.22 8.96
C LYS A 3 -20.61 25.22 9.80
N TRP A 4 -19.45 24.57 10.12
N TRP A 4 -19.52 24.46 9.87
CA TRP A 4 -19.62 23.12 10.14
CA TRP A 4 -19.62 23.00 10.01
C TRP A 4 -20.14 22.66 11.50
C TRP A 4 -20.09 22.64 11.42
N THR A 5 -20.78 21.49 11.51
CA THR A 5 -21.36 20.97 12.74
C THR A 5 -21.24 19.46 12.74
N TYR A 6 -21.77 18.83 13.80
CA TYR A 6 -21.84 17.38 13.83
C TYR A 6 -23.26 16.85 13.58
N PHE A 7 -24.12 17.64 12.92
CA PHE A 7 -25.51 17.24 12.79
C PHE A 7 -26.15 18.14 11.76
N GLY A 8 -27.36 17.77 11.35
CA GLY A 8 -28.18 18.56 10.43
C GLY A 8 -27.53 18.53 9.06
N PRO A 9 -27.76 19.56 8.22
CA PRO A 9 -27.18 19.53 6.88
C PRO A 9 -25.75 20.03 6.81
N ASP A 10 -25.16 20.55 7.91
CA ASP A 10 -23.77 20.96 7.87
C ASP A 10 -22.85 19.99 8.61
N GLY A 11 -23.38 18.80 8.86
CA GLY A 11 -22.71 17.71 9.57
C GLY A 11 -21.70 17.00 8.68
N GLU A 12 -21.16 15.90 9.25
CA GLU A 12 -19.91 15.37 8.74
C GLU A 12 -19.97 14.89 7.29
N ASN A 13 -21.14 14.41 6.83
CA ASN A 13 -21.22 13.97 5.43
C ASN A 13 -21.07 15.11 4.43
N SER A 14 -21.25 16.34 4.93
CA SER A 14 -21.19 17.55 4.08
C SER A 14 -19.88 18.31 4.27
N TRP A 15 -18.99 17.90 5.21
CA TRP A 15 -17.76 18.67 5.41
C TRP A 15 -16.93 18.77 4.13
N SER A 16 -16.96 17.76 3.28
CA SER A 16 -16.09 17.74 2.11
C SER A 16 -16.46 18.81 1.08
N LYS A 17 -17.66 19.37 1.18
N LYS A 17 -17.66 19.38 1.23
CA LYS A 17 -17.98 20.44 0.23
CA LYS A 17 -18.01 20.41 0.25
C LYS A 17 -16.95 21.58 0.41
C LYS A 17 -17.19 21.68 0.42
N LYS A 18 -16.91 22.12 1.65
CA LYS A 18 -16.06 23.28 1.89
C LYS A 18 -14.63 22.88 2.28
N TYR A 19 -14.40 21.64 2.74
CA TYR A 19 -13.13 21.17 3.22
C TYR A 19 -12.73 19.90 2.47
N PRO A 20 -12.16 20.00 1.25
CA PRO A 20 -12.07 18.84 0.39
C PRO A 20 -11.27 17.70 0.99
N SER A 21 -10.35 18.00 1.90
CA SER A 21 -9.57 16.91 2.51
C SER A 21 -10.47 15.94 3.32
N CYS A 22 -11.64 16.42 3.77
CA CYS A 22 -12.52 15.54 4.53
C CYS A 22 -13.03 14.38 3.68
N GLY A 23 -12.88 14.48 2.34
CA GLY A 23 -13.20 13.38 1.42
C GLY A 23 -12.00 12.74 0.80
N GLY A 24 -10.81 13.01 1.31
CA GLY A 24 -9.58 12.50 0.74
C GLY A 24 -9.01 11.32 1.53
N LEU A 25 -7.71 11.09 1.37
CA LEU A 25 -7.03 9.95 1.95
C LEU A 25 -6.73 10.18 3.44
N LEU A 26 -6.39 9.05 4.06
CA LEU A 26 -5.79 8.97 5.39
C LEU A 26 -6.75 9.52 6.45
N GLN A 27 -8.06 9.43 6.31
CA GLN A 27 -8.96 10.05 7.27
C GLN A 27 -9.04 9.26 8.57
N SER A 28 -9.19 10.02 9.64
CA SER A 28 -9.39 9.54 11.02
C SER A 28 -10.75 10.00 11.50
N PRO A 29 -11.34 9.37 12.54
CA PRO A 29 -10.77 8.26 13.30
C PRO A 29 -11.13 6.93 12.64
N ILE A 30 -10.64 5.84 13.23
CA ILE A 30 -10.75 4.48 12.69
C ILE A 30 -11.00 3.56 13.87
N ASP A 31 -11.50 2.38 13.50
CA ASP A 31 -11.70 1.31 14.45
C ASP A 31 -10.39 0.55 14.60
N LEU A 32 -9.91 0.43 15.82
CA LEU A 32 -8.69 -0.28 16.13
C LEU A 32 -9.07 -1.72 16.47
N HIS A 33 -8.86 -2.64 15.53
CA HIS A 33 -9.33 -3.99 15.80
C HIS A 33 -8.23 -4.94 15.38
N SER A 34 -8.30 -6.17 15.90
CA SER A 34 -7.16 -7.07 15.98
C SER A 34 -6.64 -7.42 14.59
N ASP A 35 -7.51 -7.52 13.57
CA ASP A 35 -7.07 -7.97 12.26
C ASP A 35 -6.08 -6.98 11.62
N ILE A 36 -6.11 -5.71 12.04
CA ILE A 36 -5.29 -4.69 11.38
C ILE A 36 -4.16 -4.27 12.30
N LEU A 37 -3.99 -4.94 13.44
CA LEU A 37 -2.92 -4.54 14.36
C LEU A 37 -1.63 -5.28 14.06
N GLN A 38 -0.50 -4.60 14.19
CA GLN A 38 0.79 -5.28 14.03
C GLN A 38 1.80 -4.73 15.02
N TYR A 39 2.36 -5.58 15.87
CA TYR A 39 3.43 -5.20 16.77
C TYR A 39 4.60 -4.65 15.98
N ASP A 40 5.17 -3.54 16.46
CA ASP A 40 6.35 -2.97 15.87
C ASP A 40 7.27 -2.60 17.03
N ALA A 41 8.39 -3.34 17.17
CA ALA A 41 9.35 -3.10 18.25
C ALA A 41 10.06 -1.75 18.14
N SER A 42 9.95 -1.05 17.00
CA SER A 42 10.48 0.30 16.85
C SER A 42 9.70 1.34 17.70
N LEU A 43 8.56 0.94 18.25
CA LEU A 43 7.70 1.90 18.94
C LEU A 43 8.06 1.99 20.42
N THR A 44 9.06 2.83 20.71
CA THR A 44 9.58 2.97 22.05
C THR A 44 8.74 3.98 22.83
N PRO A 45 8.89 4.08 24.17
CA PRO A 45 8.10 5.02 24.95
C PRO A 45 8.37 6.46 24.59
N LEU A 46 7.32 7.26 24.55
CA LEU A 46 7.47 8.69 24.42
C LEU A 46 7.81 9.31 25.76
N GLU A 47 8.42 10.47 25.70
CA GLU A 47 8.64 11.20 26.92
C GLU A 47 7.90 12.52 26.84
N PHE A 48 7.27 12.92 27.95
CA PHE A 48 6.42 14.07 27.97
C PHE A 48 7.16 15.13 28.75
N GLN A 49 7.64 16.14 28.05
CA GLN A 49 8.57 17.09 28.64
C GLN A 49 7.86 18.43 28.75
N GLY A 50 8.05 19.13 29.87
CA GLY A 50 7.37 20.38 30.09
C GLY A 50 5.85 20.29 30.29
N TYR A 51 5.38 19.09 30.64
CA TYR A 51 3.96 18.86 30.90
C TYR A 51 3.54 19.38 32.28
N ASN A 52 4.50 19.52 33.20
CA ASN A 52 4.17 19.99 34.54
C ASN A 52 4.06 21.53 34.51
N LEU A 53 2.91 22.07 34.12
CA LEU A 53 2.80 23.48 33.84
C LEU A 53 2.86 24.26 35.14
N SER A 54 3.59 25.37 35.07
CA SER A 54 3.73 26.31 36.18
C SER A 54 2.36 26.62 36.76
N ALA A 55 2.19 26.35 38.07
CA ALA A 55 0.98 26.77 38.76
C ALA A 55 0.91 28.28 38.93
N ASN A 56 1.94 29.02 38.48
CA ASN A 56 1.94 30.48 38.54
C ASN A 56 1.56 31.08 37.18
N LYS A 57 1.26 30.20 36.20
CA LYS A 57 0.86 30.65 34.89
C LYS A 57 -0.60 30.26 34.67
N GLN A 58 -1.29 31.03 33.83
CA GLN A 58 -2.67 30.71 33.47
C GLN A 58 -2.79 30.36 32.00
N PHE A 59 -3.65 29.35 31.76
CA PHE A 59 -3.83 28.83 30.42
C PHE A 59 -5.26 29.01 29.98
N LEU A 60 -5.45 29.45 28.75
CA LEU A 60 -6.76 29.92 28.30
C LEU A 60 -7.64 28.72 27.90
N LEU A 61 -8.80 28.56 28.53
CA LEU A 61 -9.82 27.57 28.16
C LEU A 61 -10.89 28.29 27.35
N THR A 62 -11.28 27.72 26.21
N THR A 62 -11.31 27.72 26.23
CA THR A 62 -12.28 28.32 25.35
CA THR A 62 -12.34 28.35 25.42
C THR A 62 -13.37 27.28 25.06
C THR A 62 -13.35 27.33 24.88
N ASN A 63 -14.59 27.77 24.85
CA ASN A 63 -15.61 27.04 24.09
C ASN A 63 -15.60 27.61 22.68
N ASN A 64 -15.18 26.80 21.69
CA ASN A 64 -15.08 27.29 20.32
C ASN A 64 -16.26 26.85 19.46
N GLY A 65 -17.32 26.37 20.09
CA GLY A 65 -18.53 25.94 19.43
C GLY A 65 -18.41 24.52 18.89
N HIS A 66 -17.26 23.86 19.03
CA HIS A 66 -17.07 22.48 18.56
C HIS A 66 -16.61 21.58 19.69
N SER A 67 -15.95 22.15 20.70
CA SER A 67 -15.40 21.43 21.84
C SER A 67 -15.06 22.47 22.90
N VAL A 68 -14.50 21.97 23.98
CA VAL A 68 -13.82 22.86 24.90
C VAL A 68 -12.31 22.62 24.68
N LYS A 69 -11.57 23.71 24.66
N LYS A 69 -11.56 23.71 24.47
CA LYS A 69 -10.17 23.66 24.27
CA LYS A 69 -10.14 23.59 24.23
C LYS A 69 -9.35 24.38 25.33
C LYS A 69 -9.33 24.39 25.24
N LEU A 70 -8.20 23.80 25.69
CA LEU A 70 -7.25 24.44 26.59
C LEU A 70 -6.00 24.73 25.79
N ASN A 71 -5.59 26.01 25.70
CA ASN A 71 -4.35 26.35 25.02
C ASN A 71 -3.16 25.90 25.87
N LEU A 72 -2.13 25.41 25.19
CA LEU A 72 -0.96 24.86 25.86
C LEU A 72 0.28 25.59 25.35
N PRO A 73 1.35 25.67 26.19
CA PRO A 73 2.53 26.44 25.78
C PRO A 73 3.47 25.60 24.94
N SER A 74 4.19 26.30 24.08
CA SER A 74 5.05 25.57 23.17
C SER A 74 6.32 25.00 23.83
N ASP A 75 6.66 25.34 25.10
CA ASP A 75 7.74 24.63 25.77
C ASP A 75 7.36 23.20 26.18
N MET A 76 6.06 22.87 26.11
CA MET A 76 5.63 21.53 26.38
C MET A 76 5.79 20.73 25.07
N HIS A 77 6.42 19.58 25.19
CA HIS A 77 6.65 18.79 23.96
C HIS A 77 6.81 17.31 24.22
N ILE A 78 6.66 16.56 23.11
CA ILE A 78 6.94 15.12 23.04
C ILE A 78 8.37 14.95 22.57
N GLN A 79 9.11 14.14 23.31
CA GLN A 79 10.40 13.64 22.86
C GLN A 79 10.23 12.14 22.53
N GLY A 80 10.97 11.68 21.52
CA GLY A 80 10.99 10.27 21.13
C GLY A 80 10.59 10.06 19.68
N LEU A 81 9.97 11.05 19.03
CA LEU A 81 9.69 10.98 17.60
C LEU A 81 10.93 11.57 16.91
N GLN A 82 10.93 11.54 15.59
CA GLN A 82 12.16 11.93 14.92
C GLN A 82 12.41 13.44 15.07
N SER A 83 11.29 14.20 15.02
CA SER A 83 11.33 15.63 15.26
C SER A 83 10.68 15.86 16.61
N ARG A 84 11.00 17.01 17.20
CA ARG A 84 10.25 17.48 18.37
C ARG A 84 8.88 17.91 17.93
N TYR A 85 7.86 17.48 18.71
CA TYR A 85 6.52 18.01 18.53
C TYR A 85 6.08 18.82 19.76
N SER A 86 5.74 20.09 19.57
CA SER A 86 5.46 20.99 20.67
C SER A 86 3.94 21.10 20.80
N ALA A 87 3.47 21.20 22.04
CA ALA A 87 2.03 21.26 22.28
C ALA A 87 1.46 22.56 21.78
N THR A 88 0.18 22.56 21.41
CA THR A 88 -0.58 23.75 21.06
C THR A 88 -1.89 23.79 21.83
N GLN A 89 -2.59 22.65 21.98
CA GLN A 89 -3.88 22.70 22.67
C GLN A 89 -4.32 21.28 22.95
N LEU A 90 -5.23 21.16 23.93
CA LEU A 90 -6.00 19.95 24.13
C LEU A 90 -7.48 20.23 24.07
N HIS A 91 -8.25 19.18 23.76
CA HIS A 91 -9.69 19.30 23.72
C HIS A 91 -10.31 17.90 23.84
N LEU A 92 -11.65 17.85 23.90
CA LEU A 92 -12.31 16.58 24.14
C LEU A 92 -13.45 16.34 23.17
N HIS A 93 -13.85 15.06 23.07
CA HIS A 93 -15.02 14.65 22.28
C HIS A 93 -15.86 13.73 23.15
N TRP A 94 -17.18 13.83 23.01
CA TRP A 94 -18.05 13.05 23.88
C TRP A 94 -19.40 12.83 23.19
N GLY A 95 -20.21 12.01 23.85
CA GLY A 95 -21.54 11.63 23.36
C GLY A 95 -22.65 12.46 24.00
N ASN A 96 -23.61 11.76 24.64
CA ASN A 96 -24.69 12.48 25.30
C ASN A 96 -25.24 11.56 26.39
N PRO A 97 -26.03 12.09 27.35
CA PRO A 97 -26.45 11.24 28.47
C PRO A 97 -27.29 10.03 28.08
N ASN A 98 -28.02 10.11 26.99
CA ASN A 98 -28.81 8.94 26.55
C ASN A 98 -27.99 7.89 25.79
N ASP A 99 -26.82 8.30 25.29
CA ASP A 99 -25.93 7.39 24.58
C ASP A 99 -24.48 7.82 24.89
N PRO A 100 -23.97 7.51 26.08
CA PRO A 100 -22.74 8.16 26.60
C PRO A 100 -21.51 7.40 26.08
N HIS A 101 -21.36 7.39 24.77
CA HIS A 101 -20.30 6.59 24.12
C HIS A 101 -19.77 7.34 22.92
N GLY A 102 -19.06 8.43 23.22
CA GLY A 102 -18.68 9.41 22.22
C GLY A 102 -17.17 9.56 22.00
N SER A 103 -16.37 8.53 22.26
CA SER A 103 -15.02 8.57 21.74
C SER A 103 -15.02 8.61 20.20
N GLU A 104 -13.91 9.05 19.63
CA GLU A 104 -13.77 9.05 18.17
C GLU A 104 -13.19 7.72 17.70
N HIS A 105 -12.03 7.32 18.21
CA HIS A 105 -11.54 5.98 17.92
C HIS A 105 -12.42 4.98 18.65
N THR A 106 -12.53 3.81 18.04
CA THR A 106 -13.17 2.66 18.68
C THR A 106 -12.15 1.54 18.77
N VAL A 107 -12.40 0.59 19.69
CA VAL A 107 -11.56 -0.57 19.88
C VAL A 107 -12.45 -1.80 19.73
N SER A 108 -12.13 -2.63 18.73
CA SER A 108 -12.92 -3.83 18.39
C SER A 108 -14.37 -3.43 18.26
N GLY A 109 -14.61 -2.28 17.61
CA GLY A 109 -15.94 -1.81 17.27
C GLY A 109 -16.63 -1.03 18.39
N GLN A 110 -16.01 -0.95 19.58
CA GLN A 110 -16.62 -0.29 20.73
C GLN A 110 -16.13 1.12 21.03
N HIS A 111 -17.08 2.04 21.20
CA HIS A 111 -16.76 3.37 21.65
C HIS A 111 -16.51 3.37 23.13
N PHE A 112 -15.60 4.21 23.54
CA PHE A 112 -15.47 4.62 24.93
C PHE A 112 -16.35 5.83 25.18
N ALA A 113 -16.45 6.26 26.44
CA ALA A 113 -17.37 7.33 26.81
C ALA A 113 -16.97 8.63 26.14
N ALA A 114 -15.66 8.94 26.10
CA ALA A 114 -15.15 10.21 25.58
C ALA A 114 -13.69 10.01 25.20
N GLU A 115 -13.14 11.09 24.63
CA GLU A 115 -11.73 10.97 24.23
C GLU A 115 -11.09 12.33 24.37
N LEU A 116 -9.85 12.36 24.89
CA LEU A 116 -9.04 13.57 25.05
C LEU A 116 -7.99 13.53 23.94
N HIS A 117 -7.81 14.70 23.28
CA HIS A 117 -6.75 14.86 22.28
C HIS A 117 -5.82 15.96 22.69
N ILE A 118 -4.51 15.65 22.78
CA ILE A 118 -3.51 16.67 23.08
C ILE A 118 -2.76 16.88 21.76
N VAL A 119 -2.97 18.02 21.15
CA VAL A 119 -2.48 18.32 19.81
C VAL A 119 -1.09 18.95 19.90
N HIS A 120 -0.17 18.43 19.09
CA HIS A 120 1.20 18.92 19.00
C HIS A 120 1.53 19.21 17.53
N TYR A 121 2.50 20.09 17.30
CA TYR A 121 2.97 20.37 15.95
C TYR A 121 4.48 20.18 15.87
N ASN A 122 4.96 19.98 14.64
CA ASN A 122 6.39 19.74 14.40
C ASN A 122 7.13 21.08 14.38
N SER A 123 7.71 21.43 15.56
CA SER A 123 8.31 22.73 15.75
C SER A 123 9.73 22.73 15.20
N ASP A 124 10.31 21.57 14.94
CA ASP A 124 11.62 21.54 14.28
C ASP A 124 11.50 21.98 12.83
N LEU A 125 10.36 21.68 12.17
CA LEU A 125 10.23 22.00 10.75
C LEU A 125 9.41 23.25 10.52
N TYR A 126 8.47 23.59 11.45
CA TYR A 126 7.49 24.63 11.18
C TYR A 126 7.42 25.60 12.35
N PRO A 127 7.09 26.88 12.10
CA PRO A 127 7.12 27.91 13.13
C PRO A 127 5.96 27.93 14.11
N ASP A 128 4.83 27.34 13.72
CA ASP A 128 3.64 27.37 14.54
C ASP A 128 2.66 26.31 14.04
N ALA A 129 1.65 26.04 14.85
CA ALA A 129 0.77 24.91 14.58
C ALA A 129 -0.04 25.13 13.31
N SER A 130 -0.54 26.37 13.14
CA SER A 130 -1.32 26.68 11.95
C SER A 130 -0.52 26.38 10.66
N THR A 131 0.71 26.85 10.61
CA THR A 131 1.51 26.61 9.42
C THR A 131 1.74 25.11 9.24
N ALA A 132 2.01 24.38 10.36
CA ALA A 132 2.30 22.95 10.28
C ALA A 132 1.10 22.12 9.80
N SER A 133 -0.10 22.59 10.10
CA SER A 133 -1.28 21.73 10.06
C SER A 133 -1.55 21.14 8.68
N ASN A 134 -1.07 21.78 7.60
CA ASN A 134 -1.31 21.31 6.23
C ASN A 134 -0.04 20.80 5.58
N LYS A 135 0.98 20.53 6.38
CA LYS A 135 2.26 20.16 5.83
C LYS A 135 2.70 18.78 6.26
N SER A 136 3.65 18.25 5.52
CA SER A 136 4.23 16.94 5.75
C SER A 136 4.75 16.83 7.18
N GLU A 137 4.34 15.77 7.88
CA GLU A 137 4.85 15.54 9.23
C GLU A 137 4.42 16.67 10.16
N GLY A 138 3.28 17.30 9.90
CA GLY A 138 3.02 18.55 10.55
C GLY A 138 2.57 18.38 12.00
N LEU A 139 1.70 17.39 12.30
CA LEU A 139 1.03 17.31 13.59
C LEU A 139 1.21 15.93 14.21
N ALA A 140 1.09 15.88 15.54
CA ALA A 140 1.04 14.65 16.29
C ALA A 140 0.02 14.83 17.39
N VAL A 141 -0.86 13.86 17.54
CA VAL A 141 -1.91 13.97 18.56
C VAL A 141 -1.76 12.77 19.48
N LEU A 142 -1.86 13.02 20.80
CA LEU A 142 -1.98 11.95 21.79
C LEU A 142 -3.45 11.85 22.12
N ALA A 143 -3.97 10.62 22.03
CA ALA A 143 -5.38 10.38 22.33
C ALA A 143 -5.51 9.48 23.55
N VAL A 144 -6.37 9.94 24.49
CA VAL A 144 -6.65 9.14 25.66
C VAL A 144 -8.14 8.79 25.62
N LEU A 145 -8.40 7.50 25.75
CA LEU A 145 -9.77 7.01 25.83
C LEU A 145 -10.26 7.18 27.26
N ILE A 146 -11.52 7.57 27.43
CA ILE A 146 -12.09 7.86 28.74
C ILE A 146 -13.31 6.99 28.96
N GLU A 147 -13.38 6.34 30.14
CA GLU A 147 -14.56 5.59 30.52
C GLU A 147 -15.03 6.02 31.90
N MET A 148 -16.30 5.68 32.19
CA MET A 148 -16.78 5.95 33.54
C MET A 148 -16.12 5.02 34.57
N GLY A 149 -15.86 5.59 35.76
CA GLY A 149 -15.31 4.82 36.87
C GLY A 149 -15.16 5.74 38.08
N SER A 150 -13.99 5.66 38.73
CA SER A 150 -13.78 6.52 39.87
C SER A 150 -13.59 7.98 39.47
N PHE A 151 -13.94 8.87 40.40
CA PHE A 151 -13.64 10.28 40.32
C PHE A 151 -12.17 10.51 39.99
N ASN A 152 -11.92 11.45 39.10
CA ASN A 152 -10.57 11.77 38.64
C ASN A 152 -10.23 13.21 38.98
N PRO A 153 -9.46 13.48 40.07
CA PRO A 153 -9.13 14.87 40.41
C PRO A 153 -8.41 15.67 39.33
N SER A 154 -7.62 14.95 38.53
CA SER A 154 -6.83 15.68 37.55
C SER A 154 -7.74 16.17 36.44
N TYR A 155 -8.66 15.32 35.96
CA TYR A 155 -9.59 15.85 34.95
C TYR A 155 -10.47 16.95 35.51
N ASP A 156 -10.70 16.92 36.84
CA ASP A 156 -11.51 17.97 37.42
C ASP A 156 -10.80 19.32 37.41
N LYS A 157 -9.47 19.33 37.25
CA LYS A 157 -8.76 20.59 37.07
C LYS A 157 -9.20 21.30 35.79
N ILE A 158 -9.73 20.53 34.83
CA ILE A 158 -10.35 21.17 33.66
C ILE A 158 -11.86 21.31 33.89
N PHE A 159 -12.52 20.22 34.31
CA PHE A 159 -13.99 20.20 34.34
C PHE A 159 -14.57 21.21 35.34
N SER A 160 -13.80 21.60 36.39
CA SER A 160 -14.31 22.57 37.34
C SER A 160 -14.51 23.96 36.73
N HIS A 161 -13.90 24.21 35.55
CA HIS A 161 -14.04 25.48 34.85
C HIS A 161 -15.13 25.48 33.78
N LEU A 162 -15.80 24.34 33.54
CA LEU A 162 -16.72 24.27 32.41
C LEU A 162 -17.87 25.28 32.53
N GLN A 163 -18.34 25.55 33.76
CA GLN A 163 -19.48 26.47 33.87
C GLN A 163 -19.11 27.86 33.34
N HIS A 164 -17.83 28.21 33.35
CA HIS A 164 -17.46 29.54 32.89
C HIS A 164 -17.28 29.61 31.38
N VAL A 165 -17.33 28.46 30.67
CA VAL A 165 -17.24 28.47 29.22
C VAL A 165 -18.43 27.76 28.60
N LYS A 166 -19.62 28.01 29.18
CA LYS A 166 -20.86 27.37 28.77
C LYS A 166 -21.17 27.64 27.29
N TYR A 167 -21.00 28.89 26.82
CA TYR A 167 -21.42 29.26 25.48
C TYR A 167 -20.25 29.56 24.53
N LYS A 168 -20.56 29.40 23.25
CA LYS A 168 -19.56 29.66 22.22
C LYS A 168 -18.92 31.04 22.40
N GLY A 169 -17.58 31.08 22.32
CA GLY A 169 -16.88 32.34 22.45
C GLY A 169 -16.44 32.66 23.88
N GLN A 170 -16.99 31.97 24.88
CA GLN A 170 -16.57 32.30 26.23
C GLN A 170 -15.23 31.66 26.57
N GLU A 171 -14.54 32.19 27.60
N GLU A 171 -14.57 32.22 27.60
CA GLU A 171 -13.14 31.90 27.86
CA GLU A 171 -13.23 31.82 27.98
C GLU A 171 -12.88 32.02 29.36
C GLU A 171 -13.09 31.82 29.50
N ALA A 172 -12.04 31.14 29.91
CA ALA A 172 -11.72 31.06 31.33
C ALA A 172 -10.22 30.80 31.43
N PHE A 173 -9.63 31.14 32.56
CA PHE A 173 -8.24 30.89 32.81
C PHE A 173 -8.10 29.71 33.76
N VAL A 174 -7.23 28.75 33.38
CA VAL A 174 -6.94 27.58 34.16
C VAL A 174 -5.52 27.68 34.69
N PRO A 175 -5.29 27.56 36.02
CA PRO A 175 -3.94 27.59 36.55
C PRO A 175 -3.18 26.36 36.04
N GLY A 176 -1.89 26.52 35.78
CA GLY A 176 -1.11 25.38 35.35
C GLY A 176 -1.24 24.19 36.29
N PHE A 177 -1.28 22.98 35.72
CA PHE A 177 -1.18 21.73 36.42
C PHE A 177 -0.42 20.73 35.55
N ASN A 178 -0.11 19.58 36.13
CA ASN A 178 0.68 18.58 35.41
C ASN A 178 -0.23 17.83 34.43
N ILE A 179 -0.12 18.19 33.14
CA ILE A 179 -0.93 17.57 32.09
C ILE A 179 -0.68 16.06 32.00
N GLU A 180 0.49 15.57 32.43
CA GLU A 180 0.73 14.14 32.35
C GLU A 180 -0.25 13.37 33.24
N GLU A 181 -0.84 14.06 34.24
CA GLU A 181 -1.85 13.42 35.09
C GLU A 181 -3.11 13.02 34.31
N LEU A 182 -3.30 13.59 33.11
CA LEU A 182 -4.44 13.20 32.26
C LEU A 182 -4.17 11.94 31.45
N LEU A 183 -2.93 11.48 31.40
CA LEU A 183 -2.58 10.28 30.65
C LEU A 183 -2.87 9.04 31.44
N PRO A 184 -3.10 7.92 30.80
CA PRO A 184 -3.41 6.67 31.47
C PRO A 184 -2.16 5.98 31.97
N GLU A 185 -2.45 4.84 32.62
CA GLU A 185 -1.42 3.92 33.05
C GLU A 185 -0.74 3.30 31.83
N ARG A 186 0.57 3.07 31.98
CA ARG A 186 1.39 2.35 31.02
C ARG A 186 1.28 3.05 29.66
N THR A 187 1.72 4.29 29.68
CA THR A 187 1.77 5.02 28.41
C THR A 187 2.74 4.41 27.40
N ALA A 188 3.61 3.47 27.82
CA ALA A 188 4.41 2.71 26.87
C ALA A 188 3.57 1.91 25.87
N GLU A 189 2.31 1.63 26.23
CA GLU A 189 1.43 0.77 25.44
C GLU A 189 0.52 1.69 24.62
N TYR A 190 0.69 1.65 23.30
CA TYR A 190 -0.09 2.52 22.42
C TYR A 190 -0.26 1.93 21.02
N TYR A 191 -1.27 2.45 20.31
CA TYR A 191 -1.49 2.28 18.90
C TYR A 191 -0.92 3.48 18.14
N ARG A 192 -0.41 3.25 16.96
CA ARG A 192 0.23 4.32 16.19
C ARG A 192 -0.15 4.14 14.71
N TYR A 193 -0.61 5.22 14.08
CA TYR A 193 -0.96 5.20 12.66
C TYR A 193 -0.89 6.61 12.13
N ARG A 194 -0.76 6.71 10.80
CA ARG A 194 -0.80 8.02 10.14
C ARG A 194 -2.22 8.29 9.67
N GLY A 195 -2.76 9.43 10.10
CA GLY A 195 -4.11 9.81 9.80
C GLY A 195 -4.28 11.29 9.62
N SER A 196 -5.45 11.77 10.06
CA SER A 196 -5.89 13.10 9.72
C SER A 196 -6.44 13.82 10.95
N LEU A 197 -6.62 15.13 10.84
CA LEU A 197 -7.54 15.80 11.73
C LEU A 197 -8.90 15.10 11.66
N THR A 198 -9.59 14.99 12.79
CA THR A 198 -10.92 14.42 12.77
C THR A 198 -11.99 15.51 12.66
N THR A 199 -11.57 16.77 12.55
CA THR A 199 -12.46 17.86 12.29
C THR A 199 -12.00 18.52 11.00
N PRO A 200 -12.85 19.34 10.38
CA PRO A 200 -12.39 20.19 9.29
C PRO A 200 -11.18 20.99 9.78
N PRO A 201 -10.18 21.23 8.94
CA PRO A 201 -10.17 20.85 7.50
C PRO A 201 -9.77 19.43 7.13
N CYS A 202 -9.59 18.54 8.12
CA CYS A 202 -9.36 17.09 7.94
C CYS A 202 -8.04 16.80 7.23
N ASN A 203 -7.06 17.68 7.40
CA ASN A 203 -5.80 17.51 6.70
C ASN A 203 -5.16 16.20 7.08
N PRO A 204 -4.56 15.43 6.13
CA PRO A 204 -4.00 14.12 6.40
C PRO A 204 -2.57 14.24 6.89
N THR A 205 -2.41 14.97 7.99
CA THR A 205 -1.06 15.33 8.41
C THR A 205 -0.81 14.99 9.89
N VAL A 206 -1.57 14.05 10.44
CA VAL A 206 -1.48 13.74 11.87
C VAL A 206 -0.87 12.39 12.10
N LEU A 207 0.16 12.35 12.92
CA LEU A 207 0.68 11.10 13.45
C LEU A 207 -0.08 10.81 14.74
N TRP A 208 -0.91 9.77 14.72
CA TRP A 208 -1.77 9.43 15.86
C TRP A 208 -1.07 8.48 16.81
N THR A 209 -1.18 8.79 18.12
CA THR A 209 -0.80 7.88 19.18
C THR A 209 -2.04 7.73 20.05
N VAL A 210 -2.60 6.50 20.07
CA VAL A 210 -3.76 6.29 20.93
C VAL A 210 -3.32 5.35 22.04
N PHE A 211 -3.35 5.82 23.29
CA PHE A 211 -2.93 4.92 24.37
C PHE A 211 -3.83 3.71 24.50
N ARG A 212 -3.21 2.56 24.81
N ARG A 212 -3.23 2.55 24.80
CA ARG A 212 -3.96 1.33 24.92
CA ARG A 212 -3.99 1.32 24.90
C ARG A 212 -4.96 1.36 26.07
C ARG A 212 -4.98 1.37 26.07
N ASN A 213 -4.55 1.96 27.20
CA ASN A 213 -5.37 1.86 28.42
C ASN A 213 -6.21 3.14 28.56
N PRO A 214 -7.50 3.02 28.96
CA PRO A 214 -8.29 4.20 29.19
C PRO A 214 -8.02 4.80 30.58
N VAL A 215 -8.47 6.04 30.77
CA VAL A 215 -8.59 6.63 32.10
C VAL A 215 -10.05 6.55 32.52
N GLN A 216 -10.25 6.87 33.80
N GLN A 216 -10.32 6.59 33.82
CA GLN A 216 -11.57 6.90 34.41
CA GLN A 216 -11.69 6.62 34.34
C GLN A 216 -11.93 8.31 34.85
C GLN A 216 -12.00 7.99 34.93
N ILE A 217 -13.22 8.57 34.70
CA ILE A 217 -13.81 9.74 35.36
C ILE A 217 -15.16 9.29 35.95
N SER A 218 -15.65 10.06 36.93
CA SER A 218 -16.88 9.58 37.55
C SER A 218 -18.08 9.79 36.65
N GLN A 219 -19.18 9.11 37.04
CA GLN A 219 -20.47 9.37 36.43
C GLN A 219 -20.86 10.86 36.42
N GLU A 220 -20.62 11.58 37.50
CA GLU A 220 -20.94 12.97 37.60
C GLU A 220 -20.04 13.81 36.70
N GLN A 221 -18.74 13.45 36.63
CA GLN A 221 -17.85 14.21 35.76
C GLN A 221 -18.27 14.04 34.29
N LEU A 222 -18.61 12.81 33.90
CA LEU A 222 -18.96 12.56 32.50
C LEU A 222 -20.24 13.30 32.17
N LEU A 223 -21.20 13.31 33.14
CA LEU A 223 -22.46 14.00 32.90
C LEU A 223 -22.20 15.49 32.79
N ALA A 224 -21.27 16.05 33.60
CA ALA A 224 -20.94 17.46 33.52
C ALA A 224 -20.42 17.83 32.12
N LEU A 225 -19.43 17.05 31.66
CA LEU A 225 -18.89 17.26 30.31
C LEU A 225 -19.99 17.23 29.27
N GLU A 226 -20.92 16.25 29.40
CA GLU A 226 -21.98 16.10 28.41
C GLU A 226 -23.07 17.16 28.44
N THR A 227 -23.20 17.88 29.56
CA THR A 227 -24.37 18.74 29.76
C THR A 227 -23.99 20.18 30.01
N ALA A 228 -22.69 20.51 30.19
CA ALA A 228 -22.30 21.84 30.64
C ALA A 228 -22.26 22.87 29.51
N LEU A 229 -22.12 22.43 28.24
CA LEU A 229 -21.72 23.33 27.16
C LEU A 229 -22.77 23.38 26.08
N TYR A 230 -22.84 24.55 25.45
CA TYR A 230 -23.64 24.80 24.27
C TYR A 230 -22.75 25.15 23.08
N CYS A 231 -23.20 24.83 21.87
CA CYS A 231 -22.36 25.16 20.75
C CYS A 231 -22.77 26.50 20.16
N THR A 232 -23.79 27.13 20.79
CA THR A 232 -24.28 28.43 20.36
C THR A 232 -23.79 29.55 21.27
N HIS A 233 -23.80 30.79 20.73
CA HIS A 233 -23.50 31.97 21.53
C HIS A 233 -24.60 32.19 22.58
N MET A 234 -24.22 32.86 23.67
CA MET A 234 -25.13 33.10 24.80
C MET A 234 -26.45 33.72 24.32
N ASP A 235 -26.41 34.63 23.34
CA ASP A 235 -27.62 35.38 23.02
C ASP A 235 -28.40 34.75 21.87
N ASP A 236 -28.00 33.55 21.41
CA ASP A 236 -28.71 32.88 20.35
C ASP A 236 -30.13 32.53 20.80
N PRO A 237 -31.20 32.95 20.09
CA PRO A 237 -32.54 32.60 20.55
C PRO A 237 -32.92 31.12 20.35
N SER A 238 -32.05 30.35 19.68
CA SER A 238 -32.25 28.91 19.54
C SER A 238 -31.00 28.14 20.00
N PRO A 239 -30.83 28.00 21.33
CA PRO A 239 -29.64 27.36 21.91
C PRO A 239 -29.58 25.89 21.52
N ARG A 240 -28.35 25.38 21.39
CA ARG A 240 -28.13 23.97 21.07
C ARG A 240 -27.05 23.46 22.03
N GLU A 241 -27.33 22.33 22.65
CA GLU A 241 -26.39 21.68 23.56
C GLU A 241 -25.26 21.05 22.75
N MET A 242 -24.03 21.19 23.27
CA MET A 242 -22.85 20.60 22.64
C MET A 242 -22.73 19.16 23.09
N ILE A 243 -23.20 18.26 22.21
CA ILE A 243 -23.17 16.83 22.45
C ILE A 243 -22.75 16.13 21.16
N ASN A 244 -22.37 14.86 21.25
CA ASN A 244 -22.12 14.02 20.09
C ASN A 244 -21.17 14.72 19.12
N ASN A 245 -20.08 15.29 19.68
CA ASN A 245 -19.11 16.07 18.89
C ASN A 245 -17.95 15.16 18.51
N PHE A 246 -18.23 13.99 17.92
CA PHE A 246 -17.22 13.02 17.46
C PHE A 246 -17.57 12.73 16.02
N ARG A 247 -16.55 12.40 15.26
CA ARG A 247 -16.73 11.97 13.86
C ARG A 247 -16.93 10.46 13.83
N GLN A 248 -17.80 9.95 12.96
CA GLN A 248 -17.88 8.51 12.74
C GLN A 248 -16.54 7.92 12.26
N VAL A 249 -16.31 6.65 12.53
CA VAL A 249 -15.11 5.99 12.04
C VAL A 249 -15.10 5.96 10.50
N GLN A 250 -13.90 5.99 9.98
CA GLN A 250 -13.68 6.03 8.54
C GLN A 250 -13.21 4.67 8.05
N LYS A 251 -13.45 4.40 6.75
CA LYS A 251 -12.87 3.16 6.22
C LYS A 251 -11.34 3.21 6.31
N PHE A 252 -10.72 2.04 6.51
CA PHE A 252 -9.29 1.92 6.68
C PHE A 252 -8.91 0.57 6.07
N ASP A 253 -8.59 0.53 4.77
CA ASP A 253 -8.36 -0.75 4.07
C ASP A 253 -6.94 -0.85 3.57
N GLU A 254 -6.38 -2.07 3.62
N GLU A 254 -6.42 -2.09 3.68
CA GLU A 254 -5.05 -2.33 3.12
CA GLU A 254 -5.09 -2.50 3.24
C GLU A 254 -4.03 -1.52 3.93
C GLU A 254 -4.00 -1.73 3.98
N ARG A 255 -4.29 -1.38 5.23
CA ARG A 255 -3.38 -0.61 6.09
C ARG A 255 -3.33 -1.24 7.48
N LEU A 256 -2.22 -0.98 8.16
CA LEU A 256 -2.06 -1.47 9.52
C LEU A 256 -2.09 -0.31 10.54
N VAL A 257 -2.45 -0.68 11.76
CA VAL A 257 -2.14 0.12 12.92
C VAL A 257 -1.06 -0.61 13.70
N TYR A 258 0.00 0.11 13.97
CA TYR A 258 1.14 -0.47 14.63
C TYR A 258 0.91 -0.37 16.12
N THR A 259 1.32 -1.40 16.86
CA THR A 259 1.19 -1.39 18.33
C THR A 259 2.57 -1.49 18.96
N SER A 260 2.74 -0.85 20.11
CA SER A 260 3.96 -0.96 20.88
C SER A 260 3.94 -2.17 21.81
N PHE A 261 2.83 -2.87 21.83
CA PHE A 261 2.64 -4.02 22.69
C PHE A 261 2.28 -5.20 21.80
N SER A 262 2.72 -6.39 22.22
CA SER A 262 2.19 -7.57 21.60
C SER A 262 1.27 -8.21 22.62
N GLN A 263 1.78 -8.31 23.87
CA GLN A 263 1.12 -8.97 25.00
C GLN A 263 -0.41 -8.68 25.01
N LYS B 3 -21.00 8.75 -11.11
CA LYS B 3 -19.94 7.72 -10.93
C LYS B 3 -19.51 7.70 -9.46
N TRP B 4 -20.49 7.88 -8.55
CA TRP B 4 -20.22 7.71 -7.14
C TRP B 4 -19.65 6.32 -6.93
N THR B 5 -18.83 6.17 -5.89
CA THR B 5 -18.17 4.90 -5.60
C THR B 5 -18.21 4.70 -4.07
N TYR B 6 -17.51 3.66 -3.64
CA TYR B 6 -17.24 3.44 -2.23
C TYR B 6 -15.79 3.67 -1.82
N PHE B 7 -14.96 4.21 -2.73
CA PHE B 7 -13.56 4.38 -2.38
C PHE B 7 -12.97 5.51 -3.22
N GLY B 8 -12.16 6.34 -2.59
CA GLY B 8 -11.44 7.39 -3.31
C GLY B 8 -12.25 8.68 -3.40
N PRO B 9 -11.98 9.60 -4.35
N PRO B 9 -11.86 9.54 -4.36
CA PRO B 9 -12.59 10.94 -4.32
CA PRO B 9 -12.45 10.86 -4.53
C PRO B 9 -14.08 11.01 -4.57
C PRO B 9 -13.97 10.91 -4.48
N ASP B 10 -14.62 9.90 -5.08
CA ASP B 10 -16.05 9.87 -5.31
C ASP B 10 -16.76 8.98 -4.28
N GLY B 11 -16.02 8.65 -3.22
CA GLY B 11 -16.51 7.79 -2.12
C GLY B 11 -17.50 8.53 -1.21
N GLU B 12 -17.88 7.84 -0.12
CA GLU B 12 -19.08 8.19 0.61
C GLU B 12 -19.04 9.54 1.32
N ASN B 13 -17.83 10.04 1.66
CA ASN B 13 -17.78 11.37 2.29
C ASN B 13 -18.02 12.49 1.27
N SER B 14 -18.07 12.13 -0.02
CA SER B 14 -18.30 13.11 -1.07
C SER B 14 -19.65 12.97 -1.71
N TRP B 15 -20.45 11.96 -1.38
CA TRP B 15 -21.72 11.75 -2.06
C TRP B 15 -22.61 12.97 -1.92
N SER B 16 -22.58 13.68 -0.80
CA SER B 16 -23.44 14.83 -0.54
C SER B 16 -23.18 16.01 -1.50
N LYS B 17 -21.99 16.02 -2.14
CA LYS B 17 -21.66 17.07 -3.10
C LYS B 17 -22.66 17.04 -4.25
N LYS B 18 -23.07 15.83 -4.67
CA LYS B 18 -23.96 15.63 -5.82
C LYS B 18 -25.38 15.24 -5.38
N TYR B 19 -25.53 14.64 -4.18
CA TYR B 19 -26.76 14.00 -3.75
C TYR B 19 -27.09 14.58 -2.40
N PRO B 20 -27.75 15.74 -2.31
CA PRO B 20 -27.89 16.44 -1.04
C PRO B 20 -28.49 15.60 0.07
N SER B 21 -29.42 14.67 -0.22
CA SER B 21 -30.02 13.93 0.88
C SER B 21 -28.98 13.03 1.57
N CYS B 22 -27.85 12.72 0.94
CA CYS B 22 -26.79 11.94 1.61
C CYS B 22 -26.24 12.69 2.81
N GLY B 23 -26.44 14.03 2.86
CA GLY B 23 -26.00 14.88 3.98
C GLY B 23 -27.16 15.31 4.82
N GLY B 24 -28.31 14.70 4.63
CA GLY B 24 -29.51 15.10 5.33
C GLY B 24 -29.76 14.22 6.54
N LEU B 25 -30.98 14.29 6.99
CA LEU B 25 -31.26 13.51 8.19
C LEU B 25 -31.74 12.11 7.78
N LEU B 26 -31.94 11.31 8.83
CA LEU B 26 -32.54 9.99 8.81
C LEU B 26 -31.70 9.05 7.95
N GLN B 27 -30.38 9.11 8.03
CA GLN B 27 -29.55 8.30 7.14
C GLN B 27 -29.31 6.91 7.71
N SER B 28 -29.21 5.97 6.77
CA SER B 28 -28.86 4.59 7.06
C SER B 28 -27.53 4.24 6.43
N PRO B 29 -26.80 3.20 6.83
CA PRO B 29 -27.20 2.29 7.93
C PRO B 29 -26.76 2.83 9.28
N ILE B 30 -27.05 2.04 10.33
CA ILE B 30 -26.77 2.45 11.71
C ILE B 30 -26.26 1.23 12.46
N ASP B 31 -25.61 1.55 13.59
CA ASP B 31 -25.18 0.56 14.55
C ASP B 31 -26.32 0.27 15.52
N LEU B 32 -26.67 -0.99 15.59
CA LEU B 32 -27.76 -1.42 16.46
C LEU B 32 -27.18 -1.79 17.81
N HIS B 33 -27.38 -0.92 18.83
CA HIS B 33 -26.76 -1.18 20.13
C HIS B 33 -27.79 -0.80 21.20
N SER B 34 -27.53 -1.33 22.41
CA SER B 34 -28.54 -1.33 23.47
C SER B 34 -29.07 0.06 23.80
N ASP B 35 -28.24 1.12 23.83
CA ASP B 35 -28.70 2.40 24.34
C ASP B 35 -29.82 3.01 23.49
N ILE B 36 -29.98 2.52 22.23
CA ILE B 36 -30.93 3.15 21.34
C ILE B 36 -32.06 2.16 20.95
N LEU B 37 -32.09 0.99 21.59
CA LEU B 37 -33.11 -0.02 21.31
C LEU B 37 -34.26 0.15 22.28
N GLN B 38 -35.47 -0.12 21.82
CA GLN B 38 -36.62 -0.15 22.72
C GLN B 38 -37.65 -1.11 22.18
N TYR B 39 -38.08 -2.03 23.02
CA TYR B 39 -39.07 -3.01 22.69
C TYR B 39 -40.40 -2.30 22.36
N ASP B 40 -41.07 -2.79 21.32
CA ASP B 40 -42.35 -2.26 20.93
C ASP B 40 -43.27 -3.43 20.66
N ALA B 41 -44.26 -3.67 21.54
CA ALA B 41 -45.12 -4.84 21.43
C ALA B 41 -46.03 -4.78 20.22
N SER B 42 -46.14 -3.60 19.60
CA SER B 42 -46.97 -3.47 18.39
C SER B 42 -46.27 -3.97 17.12
N LEU B 43 -45.02 -4.40 17.23
CA LEU B 43 -44.30 -4.90 16.06
C LEU B 43 -44.61 -6.38 15.88
N THR B 44 -45.75 -6.64 15.25
CA THR B 44 -46.24 -7.98 15.03
C THR B 44 -45.55 -8.61 13.82
N PRO B 45 -45.68 -9.93 13.60
CA PRO B 45 -44.92 -10.60 12.53
C PRO B 45 -45.36 -10.18 11.13
N LEU B 46 -44.36 -10.09 10.24
CA LEU B 46 -44.70 -9.86 8.83
C LEU B 46 -45.02 -11.22 8.21
N GLU B 47 -45.83 -11.16 7.17
CA GLU B 47 -45.97 -12.35 6.35
C GLU B 47 -45.45 -12.05 4.94
N PHE B 48 -44.82 -13.07 4.39
CA PHE B 48 -44.13 -12.96 3.10
C PHE B 48 -44.93 -13.71 2.06
N GLN B 49 -45.58 -12.94 1.17
CA GLN B 49 -46.56 -13.52 0.25
C GLN B 49 -45.99 -13.53 -1.15
N GLY B 50 -46.14 -14.64 -1.87
CA GLY B 50 -45.67 -14.69 -3.25
C GLY B 50 -44.16 -14.73 -3.34
N TYR B 51 -43.47 -15.07 -2.24
CA TYR B 51 -42.02 -15.23 -2.28
C TYR B 51 -41.53 -16.51 -2.94
N ASN B 52 -42.43 -17.53 -3.06
CA ASN B 52 -42.04 -18.79 -3.66
C ASN B 52 -42.13 -18.71 -5.17
N LEU B 53 -41.07 -18.19 -5.81
CA LEU B 53 -41.15 -17.94 -7.24
C LEU B 53 -41.01 -19.27 -8.01
N SER B 54 -41.80 -19.34 -9.09
CA SER B 54 -41.77 -20.58 -9.85
C SER B 54 -40.37 -20.84 -10.41
N ALA B 55 -39.89 -22.09 -10.30
CA ALA B 55 -38.64 -22.51 -10.91
C ALA B 55 -38.73 -22.57 -12.43
N ASN B 56 -39.95 -22.54 -12.96
CA ASN B 56 -40.07 -22.57 -14.42
C ASN B 56 -40.10 -21.18 -15.00
N LYS B 57 -40.12 -20.14 -14.15
CA LYS B 57 -39.97 -18.77 -14.59
C LYS B 57 -38.55 -18.30 -14.30
N GLN B 58 -38.18 -17.20 -14.93
CA GLN B 58 -36.83 -16.66 -14.74
C GLN B 58 -36.89 -15.17 -14.48
N PHE B 59 -35.89 -14.72 -13.72
CA PHE B 59 -35.84 -13.39 -13.14
C PHE B 59 -34.48 -12.77 -13.48
N LEU B 60 -34.51 -11.49 -13.80
CA LEU B 60 -33.30 -10.87 -14.33
C LEU B 60 -32.35 -10.45 -13.21
N LEU B 61 -31.12 -10.92 -13.32
CA LEU B 61 -29.98 -10.54 -12.48
C LEU B 61 -29.14 -9.53 -13.24
N THR B 62 -28.75 -8.42 -12.60
CA THR B 62 -27.98 -7.40 -13.31
C THR B 62 -26.88 -6.90 -12.39
N ASN B 63 -25.73 -6.61 -12.99
CA ASN B 63 -24.68 -5.83 -12.35
C ASN B 63 -24.95 -4.38 -12.67
N ASN B 64 -25.30 -3.58 -11.65
CA ASN B 64 -25.68 -2.19 -11.91
C ASN B 64 -24.50 -1.23 -11.66
N GLY B 65 -23.30 -1.78 -11.55
CA GLY B 65 -22.14 -0.93 -11.30
C GLY B 65 -21.91 -0.65 -9.82
N HIS B 66 -22.82 -1.07 -8.91
CA HIS B 66 -22.67 -0.81 -7.48
C HIS B 66 -22.97 -2.02 -6.63
N SER B 67 -23.71 -2.99 -7.18
CA SER B 67 -24.03 -4.25 -6.53
C SER B 67 -24.45 -5.22 -7.62
N VAL B 68 -24.87 -6.40 -7.19
CA VAL B 68 -25.56 -7.29 -8.08
C VAL B 68 -27.01 -7.26 -7.59
N LYS B 69 -27.95 -7.12 -8.52
CA LYS B 69 -29.37 -7.05 -8.18
C LYS B 69 -30.18 -8.09 -8.92
N LEU B 70 -31.16 -8.65 -8.24
CA LEU B 70 -32.15 -9.53 -8.87
C LEU B 70 -33.45 -8.75 -8.89
N ASN B 71 -34.11 -8.64 -10.05
CA ASN B 71 -35.43 -8.05 -10.18
C ASN B 71 -36.48 -9.04 -9.69
N LEU B 72 -37.44 -8.49 -8.96
CA LEU B 72 -38.48 -9.30 -8.36
C LEU B 72 -39.85 -8.85 -8.87
N PRO B 73 -40.84 -9.79 -8.89
CA PRO B 73 -42.15 -9.46 -9.43
C PRO B 73 -43.01 -8.75 -8.40
N SER B 74 -43.94 -7.91 -8.87
CA SER B 74 -44.71 -7.11 -7.95
C SER B 74 -45.80 -7.94 -7.25
N ASP B 75 -45.99 -9.21 -7.64
CA ASP B 75 -46.91 -10.09 -6.92
C ASP B 75 -46.31 -10.57 -5.59
N MET B 76 -44.99 -10.29 -5.50
CA MET B 76 -44.35 -10.66 -4.25
C MET B 76 -44.57 -9.52 -3.27
N HIS B 77 -45.11 -9.76 -2.03
CA HIS B 77 -45.30 -8.61 -1.16
C HIS B 77 -45.19 -8.98 0.30
N ILE B 78 -45.07 -7.93 1.09
N ILE B 78 -45.11 -7.92 1.10
CA ILE B 78 -45.10 -8.12 2.54
CA ILE B 78 -45.08 -8.01 2.55
C ILE B 78 -46.52 -7.77 2.95
C ILE B 78 -46.50 -7.70 3.02
N GLN B 79 -47.03 -8.58 3.87
CA GLN B 79 -48.28 -8.28 4.58
C GLN B 79 -47.92 -8.00 6.04
N GLY B 80 -48.54 -6.96 6.58
CA GLY B 80 -48.42 -6.67 8.01
C GLY B 80 -48.02 -5.22 8.31
N LEU B 81 -47.52 -4.50 7.29
CA LEU B 81 -47.33 -3.06 7.42
C LEU B 81 -48.67 -2.36 7.19
N GLN B 82 -48.68 -1.03 7.25
CA GLN B 82 -50.00 -0.40 7.19
C GLN B 82 -50.52 -0.27 5.76
N SER B 83 -49.62 -0.48 4.79
CA SER B 83 -49.97 -0.61 3.37
C SER B 83 -49.33 -1.90 2.91
N ARG B 84 -49.77 -2.36 1.74
N ARG B 84 -49.84 -2.49 1.84
CA ARG B 84 -49.11 -3.43 1.01
CA ARG B 84 -49.07 -3.58 1.25
C ARG B 84 -47.80 -2.89 0.43
C ARG B 84 -47.87 -2.97 0.52
N TYR B 85 -46.73 -3.63 0.67
CA TYR B 85 -45.47 -3.28 0.01
C TYR B 85 -45.11 -4.41 -0.92
N SER B 86 -44.85 -4.09 -2.18
CA SER B 86 -44.55 -5.07 -3.19
C SER B 86 -43.04 -5.06 -3.49
N ALA B 87 -42.52 -6.24 -3.74
CA ALA B 87 -41.08 -6.32 -4.02
C ALA B 87 -40.73 -5.67 -5.34
N THR B 88 -39.51 -5.14 -5.42
CA THR B 88 -38.98 -4.64 -6.69
C THR B 88 -37.63 -5.28 -7.01
N GLN B 89 -36.76 -5.49 -6.01
CA GLN B 89 -35.46 -6.07 -6.32
C GLN B 89 -34.77 -6.45 -5.02
N LEU B 90 -33.81 -7.35 -5.11
CA LEU B 90 -32.92 -7.59 -3.98
C LEU B 90 -31.49 -7.39 -4.44
N HIS B 91 -30.56 -7.13 -3.50
CA HIS B 91 -29.16 -6.95 -3.82
C HIS B 91 -28.36 -7.17 -2.56
N LEU B 92 -27.03 -7.13 -2.69
CA LEU B 92 -26.17 -7.41 -1.52
C LEU B 92 -25.10 -6.33 -1.34
N HIS B 93 -24.49 -6.36 -0.19
CA HIS B 93 -23.32 -5.55 0.14
C HIS B 93 -22.32 -6.46 0.79
N TRP B 94 -21.03 -6.26 0.51
CA TRP B 94 -19.99 -7.18 1.01
C TRP B 94 -18.66 -6.42 1.11
N GLY B 95 -17.68 -7.19 1.64
CA GLY B 95 -16.34 -6.67 1.89
C GLY B 95 -15.37 -7.06 0.78
N ASN B 96 -14.29 -7.80 1.14
CA ASN B 96 -13.30 -8.15 0.15
C ASN B 96 -12.61 -9.40 0.61
N PRO B 97 -11.83 -10.07 -0.28
CA PRO B 97 -11.30 -11.37 0.04
C PRO B 97 -10.42 -11.45 1.27
N ASN B 98 -9.71 -10.36 1.53
CA ASN B 98 -8.78 -10.37 2.64
C ASN B 98 -9.47 -9.85 3.89
N ASP B 99 -10.70 -9.32 3.75
CA ASP B 99 -11.40 -8.85 4.94
C ASP B 99 -12.90 -8.96 4.70
N PRO B 100 -13.48 -10.14 4.96
CA PRO B 100 -14.89 -10.39 4.65
C PRO B 100 -15.81 -9.86 5.76
N HIS B 101 -15.88 -8.53 5.87
CA HIS B 101 -16.65 -7.87 6.92
C HIS B 101 -17.40 -6.67 6.36
N GLY B 102 -18.32 -6.90 5.45
CA GLY B 102 -18.90 -5.85 4.63
C GLY B 102 -20.41 -5.66 4.83
N SER B 103 -21.01 -6.03 5.97
CA SER B 103 -22.38 -5.66 6.18
C SER B 103 -22.50 -4.14 6.31
N GLU B 104 -23.70 -3.60 6.11
CA GLU B 104 -23.97 -2.19 6.29
C GLU B 104 -24.38 -1.88 7.71
N HIS B 105 -25.44 -2.52 8.21
CA HIS B 105 -25.75 -2.42 9.63
C HIS B 105 -24.72 -3.20 10.42
N THR B 106 -24.46 -2.68 11.63
CA THR B 106 -23.60 -3.37 12.58
C THR B 106 -24.42 -3.63 13.84
N VAL B 107 -23.96 -4.63 14.61
CA VAL B 107 -24.68 -4.94 15.83
C VAL B 107 -23.66 -4.91 16.98
N SER B 108 -23.97 -3.96 17.88
CA SER B 108 -23.06 -3.70 19.00
C SER B 108 -21.62 -3.52 18.50
N GLY B 109 -21.48 -2.75 17.42
CA GLY B 109 -20.19 -2.39 16.87
C GLY B 109 -19.56 -3.38 15.89
N GLN B 110 -20.21 -4.52 15.67
CA GLN B 110 -19.54 -5.55 14.87
C GLN B 110 -20.20 -5.64 13.49
N HIS B 111 -19.34 -5.69 12.47
CA HIS B 111 -19.80 -6.02 11.13
C HIS B 111 -19.98 -7.51 10.95
N PHE B 112 -21.03 -7.84 10.20
CA PHE B 112 -21.21 -9.15 9.64
C PHE B 112 -20.46 -9.24 8.30
N ALA B 113 -20.38 -10.44 7.75
CA ALA B 113 -19.64 -10.67 6.51
C ALA B 113 -20.29 -9.91 5.36
N ALA B 114 -21.63 -9.88 5.32
CA ALA B 114 -22.32 -9.30 4.15
C ALA B 114 -23.74 -9.04 4.59
N GLU B 115 -24.51 -8.43 3.67
CA GLU B 115 -25.91 -8.10 4.00
C GLU B 115 -26.75 -8.16 2.74
N LEU B 116 -27.95 -8.74 2.88
CA LEU B 116 -28.90 -8.84 1.78
C LEU B 116 -29.98 -7.81 2.05
N HIS B 117 -30.39 -7.04 1.01
CA HIS B 117 -31.53 -6.14 1.12
C HIS B 117 -32.58 -6.56 0.11
N ILE B 118 -33.82 -6.68 0.61
CA ILE B 118 -34.94 -6.95 -0.31
C ILE B 118 -35.82 -5.72 -0.30
N VAL B 119 -35.77 -4.97 -1.41
CA VAL B 119 -36.44 -3.67 -1.52
C VAL B 119 -37.89 -3.83 -1.99
N HIS B 120 -38.78 -3.18 -1.26
CA HIS B 120 -40.20 -3.16 -1.58
C HIS B 120 -40.66 -1.71 -1.61
N TYR B 121 -41.79 -1.48 -2.32
CA TYR B 121 -42.36 -0.15 -2.41
C TYR B 121 -43.86 -0.21 -2.11
N ASN B 122 -44.40 0.93 -1.64
CA ASN B 122 -45.83 1.01 -1.31
C ASN B 122 -46.68 1.00 -2.60
N SER B 123 -47.18 -0.17 -2.97
CA SER B 123 -47.90 -0.38 -4.22
C SER B 123 -49.37 0.01 -4.08
N ASP B 124 -49.81 0.21 -2.84
CA ASP B 124 -51.15 0.72 -2.58
C ASP B 124 -51.23 2.17 -3.06
N LEU B 125 -50.16 2.95 -2.84
CA LEU B 125 -50.08 4.38 -3.11
C LEU B 125 -49.39 4.70 -4.44
N TYR B 126 -48.40 3.90 -4.84
CA TYR B 126 -47.53 4.32 -5.94
C TYR B 126 -47.51 3.28 -7.05
N PRO B 127 -47.33 3.72 -8.32
CA PRO B 127 -47.36 2.79 -9.44
C PRO B 127 -46.05 2.07 -9.73
N ASP B 128 -44.98 2.47 -9.03
CA ASP B 128 -43.66 1.89 -9.23
C ASP B 128 -42.72 2.38 -8.15
N ALA B 129 -41.60 1.69 -7.98
CA ALA B 129 -40.69 1.91 -6.89
C ALA B 129 -39.99 3.26 -7.04
N SER B 130 -39.71 3.69 -8.29
CA SER B 130 -39.01 4.96 -8.47
C SER B 130 -39.88 6.12 -7.93
N THR B 131 -41.16 6.13 -8.29
CA THR B 131 -42.08 7.12 -7.75
C THR B 131 -42.16 7.09 -6.23
N ALA B 132 -42.29 5.88 -5.65
CA ALA B 132 -42.35 5.69 -4.21
C ALA B 132 -41.08 6.20 -3.52
N SER B 133 -39.92 6.20 -4.22
CA SER B 133 -38.62 6.34 -3.56
C SER B 133 -38.41 7.74 -3.04
N ASN B 134 -39.27 8.64 -3.50
CA ASN B 134 -39.22 10.06 -3.16
C ASN B 134 -40.26 10.42 -2.12
N LYS B 135 -41.04 9.46 -1.61
CA LYS B 135 -42.18 9.78 -0.74
C LYS B 135 -42.00 9.16 0.64
N SER B 136 -42.50 9.79 1.72
CA SER B 136 -42.19 9.32 3.06
C SER B 136 -42.76 7.90 3.24
N GLU B 137 -41.98 7.01 3.88
CA GLU B 137 -42.26 5.57 3.95
C GLU B 137 -42.73 4.95 2.62
N GLY B 138 -42.30 5.50 1.48
CA GLY B 138 -42.54 4.93 0.16
C GLY B 138 -41.89 3.56 0.00
N LEU B 139 -40.75 3.33 0.68
CA LEU B 139 -40.05 2.05 0.52
C LEU B 139 -40.02 1.29 1.84
N ALA B 140 -39.91 -0.04 1.74
CA ALA B 140 -39.66 -0.84 2.93
C ALA B 140 -38.59 -1.83 2.52
N VAL B 141 -37.53 -1.93 3.33
CA VAL B 141 -36.49 -2.87 2.98
C VAL B 141 -36.38 -3.92 4.07
N LEU B 142 -36.22 -5.17 3.69
CA LEU B 142 -35.87 -6.23 4.63
C LEU B 142 -34.37 -6.45 4.53
N ALA B 143 -33.70 -6.45 5.65
CA ALA B 143 -32.27 -6.65 5.68
C ALA B 143 -31.91 -7.91 6.44
N VAL B 144 -31.10 -8.76 5.79
CA VAL B 144 -30.64 -9.99 6.41
C VAL B 144 -29.14 -9.86 6.56
N LEU B 145 -28.68 -10.03 7.79
CA LEU B 145 -27.25 -10.05 8.11
C LEU B 145 -26.69 -11.40 7.74
N ILE B 146 -25.51 -11.45 7.11
CA ILE B 146 -24.95 -12.69 6.62
C ILE B 146 -23.61 -12.90 7.33
N GLU B 147 -23.44 -14.11 7.87
N GLU B 147 -23.41 -14.06 7.95
CA GLU B 147 -22.25 -14.52 8.61
CA GLU B 147 -22.08 -14.31 8.50
C GLU B 147 -21.50 -15.61 7.83
C GLU B 147 -21.48 -15.51 7.77
N MET B 148 -20.17 -15.65 7.94
CA MET B 148 -19.43 -16.76 7.37
C MET B 148 -19.70 -18.02 8.19
N GLY B 149 -20.17 -19.04 7.46
CA GLY B 149 -20.57 -20.28 8.14
C GLY B 149 -20.69 -21.42 7.14
N SER B 150 -21.80 -22.15 7.26
CA SER B 150 -22.10 -23.22 6.34
C SER B 150 -22.42 -22.72 4.93
N PHE B 151 -22.12 -23.58 3.93
CA PHE B 151 -22.61 -23.40 2.57
C PHE B 151 -24.12 -23.28 2.59
N ASN B 152 -24.63 -22.35 1.78
CA ASN B 152 -26.06 -22.05 1.74
C ASN B 152 -26.59 -22.28 0.33
N PRO B 153 -27.18 -23.45 0.04
N PRO B 153 -27.35 -23.36 0.09
CA PRO B 153 -27.75 -23.74 -1.29
CA PRO B 153 -27.67 -23.69 -1.31
C PRO B 153 -28.75 -22.71 -1.84
C PRO B 153 -28.64 -22.62 -1.84
N SER B 154 -29.46 -22.03 -0.96
CA SER B 154 -30.43 -21.02 -1.40
C SER B 154 -29.73 -19.77 -1.95
N TYR B 155 -28.75 -19.23 -1.18
CA TYR B 155 -27.96 -18.13 -1.69
C TYR B 155 -27.25 -18.53 -2.98
N ASP B 156 -26.81 -19.77 -3.06
CA ASP B 156 -26.09 -20.19 -4.25
C ASP B 156 -26.97 -20.15 -5.49
N LYS B 157 -28.30 -20.10 -5.37
CA LYS B 157 -29.14 -19.94 -6.55
C LYS B 157 -28.85 -18.60 -7.20
N ILE B 158 -28.34 -17.60 -6.42
CA ILE B 158 -27.92 -16.32 -6.99
C ILE B 158 -26.46 -16.41 -7.32
N PHE B 159 -25.61 -16.88 -6.40
CA PHE B 159 -24.17 -16.76 -6.58
C PHE B 159 -23.64 -17.58 -7.74
N SER B 160 -24.33 -18.66 -8.07
CA SER B 160 -23.89 -19.53 -9.17
C SER B 160 -23.94 -18.81 -10.51
N HIS B 161 -24.58 -17.64 -10.60
CA HIS B 161 -24.64 -16.84 -11.83
C HIS B 161 -23.63 -15.69 -11.86
N LEU B 162 -22.76 -15.53 -10.85
CA LEU B 162 -21.99 -14.30 -10.76
C LEU B 162 -21.00 -14.13 -11.91
N GLN B 163 -20.48 -15.22 -12.45
CA GLN B 163 -19.51 -15.12 -13.52
C GLN B 163 -20.16 -14.69 -14.83
N HIS B 164 -21.46 -14.48 -14.82
CA HIS B 164 -22.21 -14.09 -15.99
C HIS B 164 -22.71 -12.64 -15.96
N VAL B 165 -22.45 -11.97 -14.84
CA VAL B 165 -22.81 -10.55 -14.70
C VAL B 165 -21.59 -9.83 -14.14
N LYS B 166 -20.41 -10.23 -14.64
CA LYS B 166 -19.17 -9.75 -14.05
C LYS B 166 -19.02 -8.24 -14.23
N TYR B 167 -19.60 -7.66 -15.32
CA TYR B 167 -19.33 -6.26 -15.64
C TYR B 167 -20.61 -5.42 -15.61
N LYS B 168 -20.44 -4.11 -15.38
CA LYS B 168 -21.54 -3.17 -15.30
C LYS B 168 -22.41 -3.28 -16.55
N GLY B 169 -23.72 -3.39 -16.31
CA GLY B 169 -24.69 -3.40 -17.39
C GLY B 169 -25.04 -4.82 -17.85
N GLN B 170 -24.25 -5.81 -17.46
CA GLN B 170 -24.52 -7.18 -17.87
C GLN B 170 -25.73 -7.75 -17.11
N GLU B 171 -26.48 -8.62 -17.79
CA GLU B 171 -27.73 -9.22 -17.30
C GLU B 171 -27.70 -10.72 -17.53
N ALA B 172 -28.32 -11.48 -16.63
CA ALA B 172 -28.46 -12.92 -16.75
C ALA B 172 -29.82 -13.28 -16.20
N PHE B 173 -30.31 -14.47 -16.49
CA PHE B 173 -31.57 -14.94 -15.94
C PHE B 173 -31.30 -16.01 -14.90
N VAL B 174 -32.08 -15.91 -13.83
CA VAL B 174 -31.99 -16.83 -12.69
C VAL B 174 -33.33 -17.52 -12.57
N PRO B 175 -33.40 -18.86 -12.59
CA PRO B 175 -34.68 -19.51 -12.40
C PRO B 175 -35.28 -19.11 -11.05
N GLY B 176 -36.60 -19.08 -10.98
CA GLY B 176 -37.23 -18.75 -9.72
C GLY B 176 -36.94 -19.78 -8.63
N PHE B 177 -36.88 -19.26 -7.42
CA PHE B 177 -36.76 -20.11 -6.24
C PHE B 177 -37.50 -19.38 -5.12
N ASN B 178 -37.58 -20.07 -3.98
CA ASN B 178 -38.29 -19.52 -2.87
C ASN B 178 -37.40 -18.51 -2.13
N ILE B 179 -37.74 -17.25 -2.34
CA ILE B 179 -36.96 -16.16 -1.73
C ILE B 179 -37.01 -16.21 -0.21
N GLU B 180 -38.06 -16.81 0.38
CA GLU B 180 -38.09 -16.92 1.82
C GLU B 180 -36.94 -17.75 2.33
N GLU B 181 -36.35 -18.61 1.47
CA GLU B 181 -35.20 -19.38 1.91
C GLU B 181 -33.97 -18.50 2.16
N LEU B 182 -34.00 -17.22 1.74
CA LEU B 182 -32.87 -16.32 2.02
C LEU B 182 -33.00 -15.72 3.40
N LEU B 183 -34.19 -15.76 4.02
CA LEU B 183 -34.44 -15.13 5.33
C LEU B 183 -33.98 -16.05 6.44
N PRO B 184 -33.62 -15.49 7.62
CA PRO B 184 -33.15 -16.28 8.75
C PRO B 184 -34.29 -16.88 9.53
N GLU B 185 -33.84 -17.51 10.62
CA GLU B 185 -34.76 -18.13 11.55
C GLU B 185 -35.43 -17.01 12.35
N ARG B 186 -36.69 -17.27 12.73
CA ARG B 186 -37.41 -16.45 13.68
C ARG B 186 -37.57 -15.05 13.10
N THR B 187 -38.12 -15.00 11.89
CA THR B 187 -38.33 -13.70 11.31
C THR B 187 -39.23 -12.79 12.13
N ALA B 188 -39.97 -13.35 13.10
CA ALA B 188 -40.78 -12.49 13.97
C ALA B 188 -39.92 -11.55 14.82
N GLU B 189 -38.63 -11.85 14.96
CA GLU B 189 -37.70 -11.06 15.76
C GLU B 189 -36.90 -10.13 14.84
N TYR B 190 -37.16 -8.83 14.97
CA TYR B 190 -36.54 -7.86 14.05
C TYR B 190 -36.37 -6.55 14.77
N TYR B 191 -35.53 -5.71 14.16
CA TYR B 191 -35.33 -4.32 14.48
C TYR B 191 -36.07 -3.50 13.43
N ARG B 192 -36.69 -2.41 13.84
CA ARG B 192 -37.46 -1.56 12.94
C ARG B 192 -37.09 -0.11 13.17
N TYR B 193 -36.80 0.64 12.12
CA TYR B 193 -36.50 2.06 12.23
C TYR B 193 -36.74 2.79 10.94
N ARG B 194 -36.82 4.11 11.07
CA ARG B 194 -37.02 4.96 9.91
C ARG B 194 -35.66 5.44 9.48
N GLY B 195 -35.38 5.23 8.17
CA GLY B 195 -34.10 5.60 7.63
C GLY B 195 -34.17 5.93 6.14
N SER B 196 -33.06 5.60 5.48
CA SER B 196 -32.85 6.09 4.13
C SER B 196 -32.34 4.97 3.23
N LEU B 197 -32.31 5.26 1.93
CA LEU B 197 -31.42 4.48 1.02
C LEU B 197 -30.00 4.59 1.58
N THR B 198 -29.24 3.48 1.49
CA THR B 198 -27.84 3.54 1.89
C THR B 198 -26.89 3.89 0.77
N THR B 199 -27.47 4.10 -0.44
CA THR B 199 -26.71 4.50 -1.63
C THR B 199 -27.32 5.83 -2.03
N PRO B 200 -26.57 6.63 -2.84
CA PRO B 200 -27.18 7.79 -3.53
C PRO B 200 -28.42 7.32 -4.24
N PRO B 201 -29.51 8.11 -4.25
N PRO B 201 -29.49 8.13 -4.34
CA PRO B 201 -29.52 9.49 -3.73
CA PRO B 201 -29.58 9.48 -3.77
C PRO B 201 -29.86 9.66 -2.24
C PRO B 201 -29.79 9.65 -2.26
N CYS B 202 -29.84 8.54 -1.51
CA CYS B 202 -29.93 8.54 -0.03
C CYS B 202 -31.26 9.09 0.49
N ASN B 203 -32.33 8.89 -0.28
N ASN B 203 -32.33 8.91 -0.29
CA ASN B 203 -33.62 9.47 0.09
CA ASN B 203 -33.60 9.48 0.09
C ASN B 203 -34.07 8.92 1.44
C ASN B 203 -34.04 8.94 1.45
N PRO B 204 -34.53 9.79 2.37
CA PRO B 204 -34.93 9.35 3.71
C PRO B 204 -36.34 8.77 3.76
N THR B 205 -36.57 7.73 2.97
CA THR B 205 -37.93 7.29 2.67
C THR B 205 -38.12 5.80 2.90
N VAL B 206 -37.21 5.23 3.71
CA VAL B 206 -37.22 3.78 3.93
C VAL B 206 -37.66 3.40 5.34
N LEU B 207 -38.63 2.51 5.42
CA LEU B 207 -38.93 1.79 6.63
C LEU B 207 -38.06 0.54 6.66
N TRP B 208 -37.10 0.51 7.57
CA TRP B 208 -36.14 -0.60 7.67
C TRP B 208 -36.64 -1.69 8.60
N THR B 209 -36.46 -2.95 8.21
CA THR B 209 -36.67 -4.11 9.06
C THR B 209 -35.37 -4.88 8.95
N VAL B 210 -34.62 -5.01 10.06
CA VAL B 210 -33.41 -5.80 10.04
C VAL B 210 -33.67 -7.02 10.90
N PHE B 211 -33.61 -8.20 10.33
CA PHE B 211 -33.88 -9.38 11.15
C PHE B 211 -32.84 -9.57 12.24
N ARG B 212 -33.29 -10.05 13.42
CA ARG B 212 -32.36 -10.22 14.53
C ARG B 212 -31.32 -11.27 14.23
N ASN B 213 -31.71 -12.37 13.59
CA ASN B 213 -30.82 -13.49 13.42
C ASN B 213 -30.17 -13.46 12.05
N PRO B 214 -28.86 -13.74 11.96
CA PRO B 214 -28.19 -13.81 10.66
C PRO B 214 -28.43 -15.15 9.97
N VAL B 215 -28.11 -15.19 8.69
CA VAL B 215 -27.95 -16.43 7.94
C VAL B 215 -26.48 -16.68 7.77
N GLN B 216 -26.10 -17.88 7.34
CA GLN B 216 -24.73 -18.25 7.04
C GLN B 216 -24.57 -18.54 5.56
N ILE B 217 -23.45 -18.10 4.99
CA ILE B 217 -22.95 -18.59 3.70
C ILE B 217 -21.49 -18.98 3.93
N SER B 218 -20.92 -19.77 3.04
CA SER B 218 -19.56 -20.25 3.31
C SER B 218 -18.51 -19.28 2.90
N GLN B 219 -17.28 -19.52 3.36
CA GLN B 219 -16.11 -18.76 2.92
C GLN B 219 -15.99 -18.80 1.39
N GLU B 220 -16.22 -19.95 0.78
CA GLU B 220 -16.08 -20.04 -0.68
C GLU B 220 -17.16 -19.21 -1.39
N GLN B 221 -18.38 -19.16 -0.83
CA GLN B 221 -19.42 -18.33 -1.44
C GLN B 221 -19.09 -16.85 -1.28
N LEU B 222 -18.57 -16.44 -0.12
CA LEU B 222 -18.16 -15.08 0.06
C LEU B 222 -17.03 -14.76 -0.92
N LEU B 223 -16.04 -15.65 -1.07
CA LEU B 223 -14.92 -15.35 -1.94
C LEU B 223 -15.41 -15.21 -3.38
N ALA B 224 -16.33 -16.04 -3.83
CA ALA B 224 -16.91 -15.86 -5.17
C ALA B 224 -17.57 -14.51 -5.29
N LEU B 225 -18.43 -14.14 -4.33
CA LEU B 225 -19.08 -12.84 -4.36
C LEU B 225 -18.08 -11.69 -4.40
N GLU B 226 -16.96 -11.79 -3.67
CA GLU B 226 -15.99 -10.73 -3.52
C GLU B 226 -15.01 -10.68 -4.71
N THR B 227 -14.98 -11.71 -5.55
CA THR B 227 -13.98 -11.71 -6.63
C THR B 227 -14.63 -11.70 -8.00
N ALA B 228 -15.92 -11.90 -8.10
CA ALA B 228 -16.46 -12.08 -9.43
C ALA B 228 -16.75 -10.75 -10.13
N LEU B 229 -17.02 -9.66 -9.43
CA LEU B 229 -17.72 -8.56 -10.07
C LEU B 229 -16.86 -7.31 -10.10
N TYR B 230 -17.21 -6.46 -11.08
CA TYR B 230 -16.54 -5.20 -11.39
C TYR B 230 -17.59 -4.08 -11.41
N CYS B 231 -17.22 -2.91 -10.95
CA CYS B 231 -18.11 -1.76 -11.06
C CYS B 231 -18.15 -1.19 -12.47
N THR B 232 -17.17 -1.62 -13.30
CA THR B 232 -16.90 -1.01 -14.61
C THR B 232 -17.44 -1.90 -15.72
N HIS B 233 -17.61 -1.29 -16.90
CA HIS B 233 -17.97 -2.04 -18.07
C HIS B 233 -16.87 -2.97 -18.56
N MET B 234 -17.27 -3.97 -19.35
N MET B 234 -17.27 -3.99 -19.34
CA MET B 234 -16.38 -5.02 -19.85
CA MET B 234 -16.35 -5.02 -19.83
C MET B 234 -15.23 -4.45 -20.68
C MET B 234 -15.18 -4.37 -20.56
N ASP B 235 -15.45 -3.27 -21.27
CA ASP B 235 -14.38 -2.69 -22.11
C ASP B 235 -13.65 -1.55 -21.44
N ASP B 236 -13.78 -1.31 -20.13
CA ASP B 236 -13.22 -0.15 -19.51
C ASP B 236 -11.73 -0.37 -19.36
N PRO B 237 -10.84 0.53 -19.86
CA PRO B 237 -9.40 0.37 -19.63
C PRO B 237 -8.88 0.63 -18.21
N SER B 238 -9.78 1.00 -17.27
N SER B 238 -9.77 1.08 -17.29
CA SER B 238 -9.42 1.25 -15.88
CA SER B 238 -9.45 1.23 -15.87
C SER B 238 -10.35 0.46 -14.96
C SER B 238 -10.50 0.45 -15.08
N PRO B 239 -10.35 -0.89 -15.02
CA PRO B 239 -11.34 -1.69 -14.29
C PRO B 239 -11.24 -1.46 -12.79
N ARG B 240 -12.41 -1.59 -12.16
CA ARG B 240 -12.47 -1.45 -10.70
C ARG B 240 -13.25 -2.66 -10.14
N GLU B 241 -12.67 -3.37 -9.21
CA GLU B 241 -13.30 -4.51 -8.54
C GLU B 241 -14.43 -4.00 -7.65
N MET B 242 -15.55 -4.70 -7.73
CA MET B 242 -16.70 -4.41 -6.86
C MET B 242 -16.54 -5.13 -5.50
N ILE B 243 -15.94 -4.38 -4.57
CA ILE B 243 -15.60 -4.84 -3.23
C ILE B 243 -15.90 -3.68 -2.30
N ASN B 244 -16.13 -4.04 -1.04
CA ASN B 244 -16.28 -3.03 0.00
C ASN B 244 -17.40 -2.06 -0.34
N ASN B 245 -18.53 -2.60 -0.83
CA ASN B 245 -19.62 -1.77 -1.32
C ASN B 245 -20.66 -1.60 -0.20
N PHE B 246 -20.20 -1.11 0.92
CA PHE B 246 -21.07 -0.80 2.06
C PHE B 246 -20.77 0.60 2.56
N ARG B 247 -21.77 1.25 3.07
CA ARG B 247 -21.61 2.59 3.65
C ARG B 247 -21.28 2.46 5.13
N GLN B 248 -20.45 3.36 5.68
CA GLN B 248 -20.26 3.41 7.12
C GLN B 248 -21.55 3.73 7.85
N VAL B 249 -21.64 3.33 9.13
CA VAL B 249 -22.84 3.66 9.90
C VAL B 249 -22.94 5.17 10.16
N GLN B 250 -24.15 5.62 10.35
CA GLN B 250 -24.50 7.03 10.42
C GLN B 250 -24.88 7.44 11.83
N LYS B 251 -24.74 8.73 12.12
CA LYS B 251 -25.21 9.23 13.40
C LYS B 251 -26.71 8.94 13.54
N PHE B 252 -27.18 8.72 14.77
CA PHE B 252 -28.60 8.47 15.02
C PHE B 252 -29.54 9.65 14.80
N ASP B 253 -29.09 10.89 15.05
CA ASP B 253 -29.99 12.05 14.91
C ASP B 253 -31.23 11.88 15.81
N GLU B 254 -31.07 11.35 17.05
CA GLU B 254 -32.11 11.24 18.07
C GLU B 254 -33.10 10.08 17.83
N ARG B 255 -32.90 9.30 16.77
CA ARG B 255 -33.75 8.14 16.49
C ARG B 255 -33.55 7.06 17.57
N LEU B 256 -34.62 6.31 17.89
CA LEU B 256 -34.50 4.97 18.45
C LEU B 256 -34.80 3.92 17.39
N VAL B 257 -34.36 2.72 17.73
CA VAL B 257 -34.69 1.54 16.93
C VAL B 257 -35.62 0.72 17.78
N TYR B 258 -36.74 0.31 17.21
CA TYR B 258 -37.74 -0.45 17.93
C TYR B 258 -37.56 -1.92 17.66
N THR B 259 -37.68 -2.77 18.67
CA THR B 259 -37.45 -4.19 18.51
C THR B 259 -38.73 -4.97 18.77
N SER B 260 -38.96 -6.04 18.02
CA SER B 260 -40.14 -6.88 18.22
C SER B 260 -39.86 -7.92 19.31
N PHE B 261 -38.65 -7.95 19.88
CA PHE B 261 -38.24 -8.90 20.90
C PHE B 261 -37.80 -8.05 22.08
N SER B 262 -38.02 -8.61 23.28
CA SER B 262 -37.78 -7.77 24.45
C SER B 262 -36.46 -8.14 25.06
N GLN B 263 -36.02 -9.38 24.82
CA GLN B 263 -34.74 -9.90 25.29
C GLN B 263 -34.30 -10.98 24.31
N LYS C 3 19.65 17.07 -14.30
CA LYS C 3 19.76 16.25 -13.06
C LYS C 3 19.31 14.81 -13.33
N TRP C 4 19.15 14.10 -12.22
CA TRP C 4 19.04 12.65 -12.21
C TRP C 4 18.54 12.23 -10.84
N THR C 5 17.84 11.09 -10.82
CA THR C 5 17.30 10.56 -9.59
C THR C 5 17.48 9.04 -9.58
N TYR C 6 16.85 8.40 -8.56
CA TYR C 6 16.70 6.94 -8.55
C TYR C 6 15.28 6.45 -8.81
N PHE C 7 14.48 7.20 -9.54
CA PHE C 7 13.14 6.68 -9.95
C PHE C 7 12.82 7.24 -11.32
N GLY C 8 12.07 6.53 -12.16
CA GLY C 8 11.81 7.11 -13.49
C GLY C 8 10.95 8.35 -13.38
N PRO C 9 11.00 9.29 -14.33
CA PRO C 9 11.74 9.14 -15.59
C PRO C 9 13.20 9.61 -15.65
N ASP C 10 13.70 10.15 -14.55
CA ASP C 10 15.08 10.61 -14.51
C ASP C 10 15.97 9.65 -13.73
N GLY C 11 15.47 8.42 -13.58
CA GLY C 11 16.18 7.41 -12.79
C GLY C 11 17.20 6.64 -13.63
N GLU C 12 17.68 5.53 -13.04
CA GLU C 12 18.96 4.99 -13.50
C GLU C 12 18.91 4.48 -14.95
N ASN C 13 17.78 3.98 -15.42
CA ASN C 13 17.77 3.54 -16.83
C ASN C 13 17.91 4.68 -17.83
N SER C 14 17.64 5.92 -17.36
CA SER C 14 17.73 7.13 -18.21
C SER C 14 19.02 7.89 -18.00
N TRP C 15 19.88 7.49 -17.06
CA TRP C 15 21.10 8.28 -16.84
C TRP C 15 21.94 8.41 -18.11
N SER C 16 21.95 7.36 -18.93
CA SER C 16 22.84 7.31 -20.10
C SER C 16 22.49 8.38 -21.14
N LYS C 17 21.29 8.94 -21.09
N LYS C 17 21.30 8.97 -21.02
CA LYS C 17 21.00 10.02 -22.04
CA LYS C 17 20.92 9.97 -22.02
C LYS C 17 22.00 11.16 -21.85
C LYS C 17 21.73 11.24 -21.85
N LYS C 18 22.02 11.67 -20.61
CA LYS C 18 22.85 12.83 -20.33
C LYS C 18 24.28 12.45 -19.98
N TYR C 19 24.51 11.21 -19.51
CA TYR C 19 25.79 10.77 -18.98
C TYR C 19 26.20 9.50 -19.71
N PRO C 20 26.82 9.60 -20.89
CA PRO C 20 26.97 8.45 -21.75
C PRO C 20 27.74 7.29 -21.12
N SER C 21 28.63 7.59 -20.19
CA SER C 21 29.37 6.50 -19.56
C SER C 21 28.46 5.56 -18.77
N CYS C 22 27.27 6.00 -18.40
CA CYS C 22 26.39 5.09 -17.66
C CYS C 22 25.88 3.93 -18.50
N GLY C 23 26.04 4.01 -19.82
CA GLY C 23 25.75 2.89 -20.71
C GLY C 23 27.00 2.27 -21.33
N GLY C 24 28.17 2.62 -20.80
CA GLY C 24 29.44 2.12 -21.32
C GLY C 24 29.98 0.94 -20.52
N LEU C 25 31.27 0.73 -20.65
CA LEU C 25 31.97 -0.42 -20.05
C LEU C 25 32.20 -0.18 -18.54
N LEU C 26 32.59 -1.30 -17.90
CA LEU C 26 33.13 -1.38 -16.54
C LEU C 26 32.14 -0.79 -15.52
N GLN C 27 30.85 -0.95 -15.67
CA GLN C 27 29.88 -0.37 -14.75
C GLN C 27 29.83 -1.13 -13.44
N SER C 28 29.68 -0.33 -12.37
CA SER C 28 29.45 -0.78 -11.00
C SER C 28 28.06 -0.36 -10.55
N PRO C 29 27.46 -0.99 -9.53
CA PRO C 29 28.02 -2.08 -8.73
C PRO C 29 27.71 -3.43 -9.39
N ILE C 30 28.20 -4.49 -8.75
CA ILE C 30 28.10 -5.85 -9.28
C ILE C 30 27.79 -6.77 -8.10
N ASP C 31 27.36 -7.97 -8.49
CA ASP C 31 27.17 -9.06 -7.53
C ASP C 31 28.46 -9.83 -7.38
N LEU C 32 28.90 -10.00 -6.13
CA LEU C 32 30.13 -10.70 -5.78
C LEU C 32 29.77 -12.12 -5.37
N HIS C 33 30.15 -13.09 -6.21
CA HIS C 33 29.69 -14.46 -5.97
C HIS C 33 30.82 -15.42 -6.33
N SER C 34 30.80 -16.65 -5.77
CA SER C 34 31.96 -17.54 -5.72
C SER C 34 32.57 -17.80 -7.08
N ASP C 35 31.71 -17.94 -8.10
CA ASP C 35 32.16 -18.45 -9.39
C ASP C 35 33.03 -17.46 -10.14
N ILE C 36 33.05 -16.21 -9.67
CA ILE C 36 33.82 -15.19 -10.37
C ILE C 36 34.96 -14.67 -9.48
N LEU C 37 35.13 -15.25 -8.32
CA LEU C 37 36.24 -14.84 -7.44
C LEU C 37 37.55 -15.55 -7.75
N GLN C 38 38.67 -14.84 -7.64
CA GLN C 38 39.98 -15.47 -7.77
C GLN C 38 40.95 -14.87 -6.76
N TYR C 39 41.61 -15.71 -5.95
CA TYR C 39 42.64 -15.20 -5.07
C TYR C 39 43.78 -14.60 -5.86
N ASP C 40 44.31 -13.46 -5.38
CA ASP C 40 45.39 -12.76 -6.04
C ASP C 40 46.38 -12.32 -4.96
N ALA C 41 47.62 -12.86 -5.04
CA ALA C 41 48.64 -12.66 -4.01
C ALA C 41 49.11 -11.22 -3.97
N SER C 42 48.85 -10.46 -5.04
CA SER C 42 49.24 -9.07 -5.10
C SER C 42 48.46 -8.19 -4.11
N LEU C 43 47.33 -8.70 -3.62
CA LEU C 43 46.38 -7.89 -2.84
C LEU C 43 46.76 -7.89 -1.36
N THR C 44 47.80 -7.10 -1.11
CA THR C 44 48.36 -6.91 0.22
C THR C 44 47.50 -5.94 1.03
N PRO C 45 47.67 -5.85 2.37
CA PRO C 45 46.86 -4.91 3.16
C PRO C 45 47.09 -3.45 2.80
N LEU C 46 46.00 -2.68 2.70
CA LEU C 46 46.12 -1.24 2.51
C LEU C 46 46.45 -0.61 3.87
N GLU C 47 47.06 0.56 3.82
CA GLU C 47 47.23 1.36 5.03
C GLU C 47 46.41 2.64 4.91
N PHE C 48 45.75 3.05 6.00
CA PHE C 48 44.90 4.22 6.02
C PHE C 48 45.62 5.31 6.80
N GLN C 49 46.02 6.35 6.08
CA GLN C 49 46.89 7.36 6.67
C GLN C 49 46.12 8.66 6.82
N GLY C 50 46.31 9.31 7.99
CA GLY C 50 45.69 10.60 8.17
C GLY C 50 44.19 10.49 8.43
N TYR C 51 43.69 9.30 8.74
CA TYR C 51 42.25 9.12 8.91
C TYR C 51 41.76 9.62 10.27
N ASN C 52 42.67 9.85 11.23
CA ASN C 52 42.28 10.26 12.57
C ASN C 52 42.12 11.78 12.59
N LEU C 53 40.92 12.26 12.25
CA LEU C 53 40.68 13.70 12.16
C LEU C 53 40.40 14.27 13.57
N SER C 54 41.00 15.43 13.88
N SER C 54 40.96 15.47 13.83
CA SER C 54 40.86 15.98 15.23
CA SER C 54 40.79 16.13 15.12
C SER C 54 39.45 16.54 15.46
C SER C 54 39.34 16.45 15.42
N ALA C 55 38.94 16.28 16.68
CA ALA C 55 37.57 16.60 17.10
C ALA C 55 37.32 18.09 17.08
N ASN C 56 38.42 18.87 17.14
CA ASN C 56 38.23 20.32 17.20
C ASN C 56 38.30 20.88 15.77
N LYS C 57 38.47 19.99 14.78
CA LYS C 57 38.34 20.38 13.38
C LYS C 57 36.93 20.01 12.91
N GLN C 58 36.52 20.60 11.79
CA GLN C 58 35.18 20.30 11.30
C GLN C 58 35.18 20.09 9.78
N PHE C 59 34.17 19.31 9.37
CA PHE C 59 34.04 18.77 8.01
C PHE C 59 32.61 18.97 7.53
N LEU C 60 32.45 19.48 6.29
CA LEU C 60 31.15 19.84 5.79
C LEU C 60 30.33 18.60 5.42
N LEU C 61 29.13 18.49 5.98
CA LEU C 61 28.12 17.51 5.66
C LEU C 61 27.07 18.17 4.76
N THR C 62 26.73 17.57 3.64
CA THR C 62 25.84 18.14 2.65
C THR C 62 24.81 17.08 2.29
N ASN C 63 23.54 17.47 2.32
CA ASN C 63 22.53 16.79 1.54
C ASN C 63 22.52 17.33 0.14
N ASN C 64 22.99 16.51 -0.81
CA ASN C 64 23.10 16.90 -2.21
C ASN C 64 21.91 16.45 -3.04
N GLY C 65 20.85 15.99 -2.37
CA GLY C 65 19.69 15.48 -3.09
C GLY C 65 19.83 14.04 -3.57
N HIS C 66 21.02 13.44 -3.39
CA HIS C 66 21.23 12.07 -3.87
C HIS C 66 21.67 11.20 -2.72
N SER C 67 22.32 11.79 -1.73
CA SER C 67 22.87 11.11 -0.57
C SER C 67 23.16 12.19 0.47
N VAL C 68 23.79 11.73 1.54
CA VAL C 68 24.46 12.65 2.45
C VAL C 68 25.94 12.38 2.32
N LYS C 69 26.70 13.46 2.18
CA LYS C 69 28.13 13.40 1.87
C LYS C 69 28.86 14.21 2.93
N LEU C 70 29.98 13.68 3.38
CA LEU C 70 30.90 14.39 4.26
C LEU C 70 32.17 14.66 3.47
N ASN C 71 32.57 15.94 3.33
CA ASN C 71 33.85 16.23 2.71
C ASN C 71 35.00 15.80 3.61
N LEU C 72 36.10 15.31 3.00
CA LEU C 72 37.23 14.81 3.73
C LEU C 72 38.50 15.48 3.22
N PRO C 73 39.52 15.70 4.05
CA PRO C 73 40.69 16.46 3.66
C PRO C 73 41.68 15.60 2.86
N SER C 74 42.36 16.25 1.92
CA SER C 74 43.25 15.57 1.00
C SER C 74 44.51 15.03 1.68
N ASP C 75 44.75 15.37 2.95
CA ASP C 75 45.92 14.77 3.55
C ASP C 75 45.60 13.35 4.06
N MET C 76 44.33 12.94 4.00
CA MET C 76 43.95 11.58 4.31
C MET C 76 44.19 10.72 3.06
N HIS C 77 44.87 9.59 3.20
CA HIS C 77 45.14 8.84 1.96
C HIS C 77 45.32 7.36 2.23
N ILE C 78 45.15 6.58 1.15
CA ILE C 78 45.43 5.16 1.15
C ILE C 78 46.88 5.00 0.69
N GLN C 79 47.61 4.14 1.40
CA GLN C 79 48.91 3.70 0.99
C GLN C 79 48.79 2.20 0.69
N GLY C 80 49.49 1.76 -0.36
CA GLY C 80 49.49 0.37 -0.75
C GLY C 80 49.09 0.12 -2.20
N LEU C 81 48.48 1.10 -2.85
CA LEU C 81 48.15 1.01 -4.28
C LEU C 81 49.33 1.50 -5.13
N GLN C 82 49.17 1.51 -6.46
CA GLN C 82 50.23 1.89 -7.39
C GLN C 82 50.53 3.38 -7.33
N SER C 83 49.52 4.21 -6.99
CA SER C 83 49.57 5.66 -6.82
C SER C 83 49.01 5.94 -5.43
N ARG C 84 49.37 7.08 -4.86
CA ARG C 84 48.66 7.58 -3.69
C ARG C 84 47.26 8.01 -4.14
N TYR C 85 46.28 7.58 -3.31
CA TYR C 85 44.91 8.04 -3.47
C TYR C 85 44.52 8.86 -2.24
N SER C 86 44.17 10.12 -2.46
CA SER C 86 43.81 11.04 -1.40
C SER C 86 42.29 11.15 -1.23
N ALA C 87 41.83 11.27 0.01
CA ALA C 87 40.40 11.34 0.27
C ALA C 87 39.78 12.60 -0.32
N THR C 88 38.52 12.49 -0.70
CA THR C 88 37.72 13.65 -1.10
C THR C 88 36.40 13.72 -0.33
N GLN C 89 35.68 12.61 -0.12
CA GLN C 89 34.38 12.65 0.55
C GLN C 89 33.97 11.21 0.83
N LEU C 90 33.07 11.05 1.78
CA LEU C 90 32.37 9.80 1.93
C LEU C 90 30.90 10.05 1.87
N HIS C 91 30.15 9.00 1.57
CA HIS C 91 28.71 9.07 1.52
C HIS C 91 28.11 7.67 1.66
N LEU C 92 26.77 7.60 1.71
CA LEU C 92 26.11 6.32 1.97
C LEU C 92 25.01 6.06 0.95
N HIS C 93 24.64 4.76 0.87
CA HIS C 93 23.51 4.32 0.08
C HIS C 93 22.64 3.41 0.97
N TRP C 94 21.32 3.50 0.83
CA TRP C 94 20.42 2.73 1.67
C TRP C 94 19.12 2.44 0.94
N GLY C 95 18.27 1.66 1.64
CA GLY C 95 16.99 1.23 1.11
C GLY C 95 15.84 2.05 1.70
N ASN C 96 14.87 1.32 2.28
CA ASN C 96 13.78 2.05 2.90
C ASN C 96 13.22 1.17 4.01
N PRO C 97 12.38 1.69 4.93
CA PRO C 97 11.95 0.85 6.06
C PRO C 97 11.12 -0.38 5.72
N ASN C 98 10.48 -0.37 4.56
CA ASN C 98 9.68 -1.51 4.12
C ASN C 98 10.55 -2.57 3.42
N ASP C 99 11.75 -2.21 2.97
CA ASP C 99 12.69 -3.09 2.28
C ASP C 99 14.11 -2.61 2.60
N PRO C 100 14.59 -2.90 3.80
CA PRO C 100 15.81 -2.27 4.32
C PRO C 100 17.06 -2.98 3.83
N HIS C 101 17.23 -2.96 2.51
CA HIS C 101 18.29 -3.77 1.90
C HIS C 101 18.82 -2.96 0.73
N GLY C 102 19.55 -1.88 1.01
CA GLY C 102 19.93 -0.93 -0.02
C GLY C 102 21.43 -0.75 -0.18
N SER C 103 22.26 -1.78 0.11
CA SER C 103 23.63 -1.76 -0.40
C SER C 103 23.65 -1.72 -1.94
N GLU C 104 24.80 -1.30 -2.48
CA GLU C 104 24.99 -1.29 -3.93
C GLU C 104 25.53 -2.64 -4.38
N HIS C 105 26.71 -3.02 -3.86
CA HIS C 105 27.21 -4.36 -4.11
C HIS C 105 26.32 -5.38 -3.40
N THR C 106 26.23 -6.56 -3.99
CA THR C 106 25.56 -7.70 -3.38
C THR C 106 26.59 -8.81 -3.25
N VAL C 107 26.31 -9.73 -2.31
CA VAL C 107 27.15 -10.89 -2.14
C VAL C 107 26.26 -12.12 -2.28
N SER C 108 26.57 -12.96 -3.28
CA SER C 108 25.80 -14.16 -3.52
C SER C 108 24.33 -13.82 -3.74
N GLY C 109 24.13 -12.69 -4.42
CA GLY C 109 22.81 -12.22 -4.76
C GLY C 109 22.13 -11.36 -3.68
N GLN C 110 22.71 -11.26 -2.48
CA GLN C 110 22.01 -10.63 -1.37
C GLN C 110 22.53 -9.19 -1.13
N HIS C 111 21.57 -8.27 -0.98
CA HIS C 111 21.91 -6.94 -0.50
C HIS C 111 22.22 -6.96 0.99
N PHE C 112 23.07 -6.07 1.42
CA PHE C 112 23.17 -5.65 2.82
C PHE C 112 22.26 -4.46 3.04
N ALA C 113 22.09 -4.03 4.33
CA ALA C 113 21.20 -2.96 4.64
C ALA C 113 21.58 -1.65 3.97
N ALA C 114 22.90 -1.40 3.92
CA ALA C 114 23.36 -0.10 3.43
C ALA C 114 24.83 -0.25 3.07
N GLU C 115 25.42 0.79 2.47
CA GLU C 115 26.81 0.71 2.07
C GLU C 115 27.43 2.10 2.25
N LEU C 116 28.66 2.11 2.79
CA LEU C 116 29.40 3.37 2.88
C LEU C 116 30.54 3.37 1.85
N HIS C 117 30.68 4.52 1.17
CA HIS C 117 31.75 4.66 0.19
C HIS C 117 32.67 5.79 0.64
N ILE C 118 33.95 5.47 0.76
CA ILE C 118 34.96 6.51 1.04
C ILE C 118 35.74 6.74 -0.24
N VAL C 119 35.52 7.88 -0.91
CA VAL C 119 35.97 8.22 -2.24
C VAL C 119 37.32 8.90 -2.14
N HIS C 120 38.29 8.38 -2.90
CA HIS C 120 39.64 8.94 -3.00
C HIS C 120 39.99 9.21 -4.45
N TYR C 121 40.92 10.13 -4.69
CA TYR C 121 41.35 10.46 -6.04
C TYR C 121 42.85 10.26 -6.13
N ASN C 122 43.31 10.04 -7.36
CA ASN C 122 44.73 9.82 -7.58
C ASN C 122 45.46 11.17 -7.62
N SER C 123 46.09 11.46 -6.47
CA SER C 123 46.70 12.77 -6.25
C SER C 123 48.09 12.82 -6.83
N ASP C 124 48.64 11.69 -7.23
CA ASP C 124 49.93 11.66 -7.92
C ASP C 124 49.74 12.11 -9.37
N LEU C 125 48.62 11.72 -10.01
CA LEU C 125 48.36 12.10 -11.40
C LEU C 125 47.57 13.39 -11.53
N TYR C 126 46.69 13.69 -10.56
CA TYR C 126 45.71 14.73 -10.80
C TYR C 126 45.62 15.70 -9.63
N PRO C 127 45.28 16.98 -9.88
CA PRO C 127 45.36 17.99 -8.85
C PRO C 127 44.18 18.01 -7.87
N ASP C 128 43.06 17.40 -8.27
CA ASP C 128 41.87 17.40 -7.43
C ASP C 128 40.95 16.28 -7.91
N ALA C 129 39.91 16.01 -7.11
CA ALA C 129 39.05 14.87 -7.41
C ALA C 129 38.20 15.11 -8.68
N SER C 130 37.69 16.32 -8.88
CA SER C 130 36.86 16.53 -10.05
C SER C 130 37.66 16.35 -11.34
N THR C 131 38.90 16.87 -11.38
CA THR C 131 39.78 16.65 -12.53
C THR C 131 40.03 15.15 -12.71
N ALA C 132 40.23 14.43 -11.59
CA ALA C 132 40.56 13.01 -11.66
C ALA C 132 39.39 12.15 -12.16
N SER C 133 38.15 12.57 -11.91
CA SER C 133 37.02 11.65 -11.89
C SER C 133 36.76 11.07 -13.27
N ASN C 134 37.15 11.74 -14.35
CA ASN C 134 36.86 11.22 -15.68
C ASN C 134 38.15 10.76 -16.38
N LYS C 135 39.22 10.51 -15.62
CA LYS C 135 40.50 10.21 -16.22
C LYS C 135 41.04 8.89 -15.73
N SER C 136 41.99 8.31 -16.49
CA SER C 136 42.54 7.00 -16.25
C SER C 136 43.10 6.93 -14.83
N GLU C 137 42.71 5.86 -14.15
CA GLU C 137 43.19 5.57 -12.80
C GLU C 137 42.83 6.71 -11.84
N GLY C 138 41.69 7.36 -12.08
CA GLY C 138 41.38 8.60 -11.39
C GLY C 138 40.92 8.42 -9.93
N LEU C 139 40.20 7.34 -9.61
CA LEU C 139 39.50 7.22 -8.35
C LEU C 139 39.74 5.86 -7.73
N ALA C 140 39.65 5.78 -6.43
CA ALA C 140 39.63 4.54 -5.68
C ALA C 140 38.60 4.70 -4.59
N VAL C 141 37.73 3.71 -4.40
CA VAL C 141 36.70 3.79 -3.37
C VAL C 141 36.88 2.62 -2.43
N LEU C 142 36.75 2.90 -1.14
CA LEU C 142 36.61 1.86 -0.15
C LEU C 142 35.13 1.70 0.15
N ALA C 143 34.63 0.47 0.04
CA ALA C 143 33.23 0.17 0.29
C ALA C 143 33.09 -0.71 1.52
N VAL C 144 32.22 -0.23 2.41
CA VAL C 144 31.91 -1.00 3.61
C VAL C 144 30.44 -1.39 3.59
N LEU C 145 30.19 -2.70 3.66
CA LEU C 145 28.83 -3.21 3.74
C LEU C 145 28.29 -3.07 5.18
N ILE C 146 27.02 -2.70 5.29
CA ILE C 146 26.44 -2.35 6.61
C ILE C 146 25.25 -3.27 6.82
N GLU C 147 25.17 -3.90 8.01
CA GLU C 147 24.01 -4.70 8.39
C GLU C 147 23.53 -4.29 9.78
N MET C 148 22.26 -4.66 10.03
CA MET C 148 21.71 -4.44 11.35
C MET C 148 22.43 -5.29 12.39
N GLY C 149 22.67 -4.67 13.55
CA GLY C 149 23.22 -5.39 14.70
C GLY C 149 23.32 -4.43 15.90
N SER C 150 24.49 -4.47 16.56
CA SER C 150 24.84 -3.59 17.66
C SER C 150 24.88 -2.13 17.23
N PHE C 151 24.59 -1.24 18.19
CA PHE C 151 24.72 0.20 18.07
C PHE C 151 26.18 0.55 17.77
N ASN C 152 26.38 1.47 16.81
CA ASN C 152 27.74 1.79 16.42
C ASN C 152 28.05 3.25 16.71
N PRO C 153 28.82 3.55 17.78
CA PRO C 153 29.12 4.92 18.14
C PRO C 153 29.83 5.75 17.07
N SER C 154 30.60 5.07 16.21
CA SER C 154 31.38 5.77 15.20
C SER C 154 30.46 6.25 14.09
N TYR C 155 29.54 5.37 13.66
CA TYR C 155 28.56 5.79 12.66
C TYR C 155 27.67 6.90 13.20
N ASP C 156 27.43 6.92 14.52
CA ASP C 156 26.55 7.94 15.07
C ASP C 156 27.21 9.33 15.03
N LYS C 157 28.52 9.37 14.80
CA LYS C 157 29.27 10.61 14.68
C LYS C 157 28.79 11.34 13.44
N ILE C 158 28.25 10.57 12.46
CA ILE C 158 27.61 11.19 11.30
C ILE C 158 26.11 11.30 11.57
N PHE C 159 25.50 10.17 11.95
CA PHE C 159 24.05 10.06 11.95
C PHE C 159 23.39 11.09 12.89
N SER C 160 24.17 11.58 13.87
CA SER C 160 23.66 12.46 14.90
C SER C 160 23.50 13.88 14.36
N HIS C 161 23.89 14.11 13.10
CA HIS C 161 23.78 15.41 12.44
C HIS C 161 22.72 15.45 11.34
N LEU C 162 22.06 14.30 11.08
CA LEU C 162 21.25 14.24 9.88
C LEU C 162 20.07 15.20 9.90
N GLN C 163 19.54 15.51 11.12
CA GLN C 163 18.37 16.39 11.18
C GLN C 163 18.75 17.83 10.86
N HIS C 164 20.04 18.15 10.66
CA HIS C 164 20.46 19.49 10.28
C HIS C 164 20.59 19.66 8.77
N VAL C 165 20.46 18.54 8.06
CA VAL C 165 20.57 18.57 6.60
C VAL C 165 19.39 17.85 5.95
N LYS C 166 18.19 18.03 6.51
CA LYS C 166 17.08 17.25 6.01
C LYS C 166 16.73 17.54 4.57
N TYR C 167 17.04 18.72 4.06
CA TYR C 167 16.57 19.09 2.73
C TYR C 167 17.74 19.26 1.77
N LYS C 168 17.43 19.07 0.48
CA LYS C 168 18.39 19.19 -0.58
C LYS C 168 19.10 20.54 -0.48
N GLY C 169 20.43 20.50 -0.58
CA GLY C 169 21.24 21.69 -0.60
C GLY C 169 21.68 22.14 0.80
N GLN C 170 21.07 21.57 1.85
CA GLN C 170 21.44 22.02 3.18
C GLN C 170 22.80 21.45 3.59
N GLU C 171 23.49 22.21 4.43
CA GLU C 171 24.81 21.82 4.85
C GLU C 171 24.93 22.07 6.34
N ALA C 172 25.84 21.32 6.95
CA ALA C 172 26.17 21.43 8.36
C ALA C 172 27.59 20.93 8.57
N PHE C 173 28.15 21.22 9.71
CA PHE C 173 29.51 20.76 10.00
C PHE C 173 29.44 19.64 11.03
N VAL C 174 30.32 18.66 10.83
CA VAL C 174 30.47 17.52 11.73
C VAL C 174 31.86 17.67 12.34
N PRO C 175 32.05 17.58 13.68
CA PRO C 175 33.39 17.59 14.23
C PRO C 175 34.16 16.37 13.73
N GLY C 176 35.47 16.54 13.64
CA GLY C 176 36.39 15.49 13.24
C GLY C 176 36.29 14.27 14.15
N PHE C 177 36.63 13.10 13.58
CA PHE C 177 36.75 11.86 14.32
C PHE C 177 37.61 10.93 13.48
N ASN C 178 37.93 9.75 14.03
CA ASN C 178 38.77 8.80 13.33
C ASN C 178 37.94 7.99 12.32
N ILE C 179 38.16 8.31 11.03
CA ILE C 179 37.36 7.71 9.96
C ILE C 179 37.61 6.21 9.90
N GLU C 180 38.77 5.77 10.38
CA GLU C 180 39.11 4.36 10.35
C GLU C 180 38.15 3.56 11.23
N GLU C 181 37.43 4.22 12.15
CA GLU C 181 36.45 3.57 13.00
C GLU C 181 35.23 3.10 12.20
N LEU C 182 35.06 3.63 10.97
CA LEU C 182 33.95 3.23 10.10
C LEU C 182 34.24 1.93 9.36
N LEU C 183 35.50 1.51 9.34
CA LEU C 183 35.92 0.33 8.61
C LEU C 183 35.65 -0.90 9.45
N PRO C 184 35.44 -2.07 8.80
CA PRO C 184 35.15 -3.30 9.50
C PRO C 184 36.38 -3.97 10.06
N GLU C 185 36.15 -5.09 10.74
CA GLU C 185 37.20 -6.00 11.15
C GLU C 185 37.91 -6.62 9.94
N ARG C 186 39.20 -6.91 10.13
N ARG C 186 39.23 -6.75 10.10
CA ARG C 186 40.03 -7.58 9.16
CA ARG C 186 40.06 -7.54 9.21
C ARG C 186 39.94 -6.90 7.79
C ARG C 186 40.06 -6.94 7.80
N THR C 187 40.37 -5.64 7.78
CA THR C 187 40.47 -4.91 6.52
C THR C 187 41.39 -5.58 5.51
N ALA C 188 42.33 -6.45 5.94
CA ALA C 188 43.16 -7.16 4.98
C ALA C 188 42.35 -8.06 4.04
N GLU C 189 41.11 -8.41 4.41
CA GLU C 189 40.23 -9.25 3.60
C GLU C 189 39.28 -8.40 2.74
N TYR C 190 39.51 -8.42 1.43
CA TYR C 190 38.69 -7.58 0.58
C TYR C 190 38.58 -8.17 -0.83
N TYR C 191 37.56 -7.70 -1.56
CA TYR C 191 37.38 -7.90 -2.96
C TYR C 191 37.90 -6.69 -3.72
N ARG C 192 38.46 -6.93 -4.90
CA ARG C 192 39.05 -5.87 -5.72
C ARG C 192 38.63 -6.04 -7.18
N TYR C 193 38.15 -4.97 -7.80
CA TYR C 193 37.93 -5.01 -9.26
C TYR C 193 37.99 -3.60 -9.80
N ARG C 194 38.13 -3.49 -11.12
CA ARG C 194 38.06 -2.19 -11.79
C ARG C 194 36.64 -1.93 -12.25
N GLY C 195 36.09 -0.79 -11.84
CA GLY C 195 34.72 -0.42 -12.17
C GLY C 195 34.51 1.05 -12.40
N SER C 196 33.33 1.52 -11.95
CA SER C 196 32.87 2.85 -12.31
C SER C 196 32.32 3.58 -11.09
N LEU C 197 32.09 4.88 -11.24
CA LEU C 197 31.16 5.51 -10.32
C LEU C 197 29.83 4.78 -10.42
N THR C 198 29.11 4.68 -9.31
CA THR C 198 27.78 4.10 -9.33
C THR C 198 26.68 5.16 -9.46
N THR C 199 27.12 6.42 -9.54
CA THR C 199 26.22 7.51 -9.85
C THR C 199 26.68 8.19 -11.14
N PRO C 200 25.82 8.99 -11.80
CA PRO C 200 26.34 9.84 -12.89
C PRO C 200 27.55 10.60 -12.38
N PRO C 201 28.56 10.86 -13.23
CA PRO C 201 28.56 10.46 -14.66
C PRO C 201 29.02 9.04 -15.01
N CYS C 202 29.16 8.17 -14.01
CA CYS C 202 29.37 6.73 -14.20
C CYS C 202 30.71 6.45 -14.86
N ASN C 203 31.70 7.35 -14.71
CA ASN C 203 32.96 7.13 -15.43
C ASN C 203 33.62 5.83 -14.99
N PRO C 204 34.24 5.08 -15.93
CA PRO C 204 34.85 3.76 -15.63
C PRO C 204 36.26 3.94 -15.09
N THR C 205 36.34 4.69 -13.98
CA THR C 205 37.64 5.18 -13.54
C THR C 205 37.89 4.84 -12.07
N VAL C 206 37.12 3.89 -11.51
CA VAL C 206 37.22 3.59 -10.09
C VAL C 206 37.86 2.24 -9.79
N LEU C 207 38.90 2.19 -8.97
CA LEU C 207 39.43 0.96 -8.42
C LEU C 207 38.64 0.64 -7.17
N TRP C 208 37.83 -0.41 -7.21
CA TRP C 208 36.97 -0.75 -6.08
C TRP C 208 37.67 -1.68 -5.11
N THR C 209 37.50 -1.40 -3.83
CA THR C 209 37.90 -2.26 -2.73
C THR C 209 36.67 -2.43 -1.87
N VAL C 210 36.12 -3.64 -1.84
CA VAL C 210 34.95 -3.87 -1.01
C VAL C 210 35.37 -4.80 0.10
N PHE C 211 35.26 -4.32 1.35
CA PHE C 211 35.76 -5.22 2.38
C PHE C 211 34.88 -6.44 2.53
N ARG C 212 35.49 -7.57 2.87
N ARG C 212 35.48 -7.58 2.87
CA ARG C 212 34.76 -8.82 2.97
CA ARG C 212 34.74 -8.83 2.95
C ARG C 212 33.73 -8.76 4.11
C ARG C 212 33.77 -8.82 4.13
N ASN C 213 34.14 -8.15 5.24
CA ASN C 213 33.31 -8.23 6.44
C ASN C 213 32.50 -6.95 6.59
N PRO C 214 31.20 -7.08 6.95
CA PRO C 214 30.34 -5.92 7.17
C PRO C 214 30.53 -5.33 8.55
N VAL C 215 30.14 -4.08 8.68
CA VAL C 215 29.93 -3.46 9.99
C VAL C 215 28.46 -3.56 10.37
N GLN C 216 28.18 -3.34 11.67
CA GLN C 216 26.84 -3.33 12.23
C GLN C 216 26.48 -1.94 12.74
N ILE C 217 25.22 -1.59 12.50
CA ILE C 217 24.56 -0.43 13.09
C ILE C 217 23.24 -0.92 13.68
N SER C 218 22.78 -0.20 14.72
CA SER C 218 21.55 -0.66 15.32
C SER C 218 20.38 -0.50 14.37
N GLN C 219 19.33 -1.28 14.65
CA GLN C 219 18.04 -1.07 14.02
C GLN C 219 17.61 0.39 14.06
N GLU C 220 17.78 1.04 15.22
CA GLU C 220 17.43 2.44 15.38
C GLU C 220 18.26 3.36 14.48
N GLN C 221 19.58 3.10 14.34
CA GLN C 221 20.44 3.93 13.51
C GLN C 221 20.09 3.77 12.03
N LEU C 222 19.77 2.52 11.65
CA LEU C 222 19.36 2.26 10.27
C LEU C 222 18.05 2.96 9.91
N LEU C 223 17.00 2.89 10.78
CA LEU C 223 15.73 3.58 10.55
C LEU C 223 15.95 5.10 10.47
N ALA C 224 16.81 5.59 11.35
CA ALA C 224 17.15 7.01 11.37
C ALA C 224 17.70 7.43 10.00
N LEU C 225 18.69 6.68 9.47
CA LEU C 225 19.28 7.02 8.18
C LEU C 225 18.22 6.96 7.08
N GLU C 226 17.37 5.92 7.12
CA GLU C 226 16.36 5.75 6.08
C GLU C 226 15.24 6.79 6.11
N THR C 227 15.05 7.44 7.25
CA THR C 227 13.88 8.32 7.43
C THR C 227 14.26 9.78 7.70
N ALA C 228 15.55 10.11 7.66
CA ALA C 228 15.94 11.44 8.12
C ALA C 228 15.87 12.49 7.01
N LEU C 229 16.04 12.11 5.73
CA LEU C 229 16.31 13.08 4.67
C LEU C 229 15.23 13.09 3.61
N TYR C 230 14.97 14.30 3.12
CA TYR C 230 14.29 14.46 1.84
C TYR C 230 15.31 14.67 0.75
N CYS C 231 14.93 14.35 -0.49
CA CYS C 231 15.76 14.68 -1.63
C CYS C 231 15.31 15.98 -2.33
N THR C 232 14.28 16.62 -1.78
CA THR C 232 13.71 17.86 -2.29
C THR C 232 14.18 19.05 -1.47
N HIS C 233 14.03 20.26 -2.04
CA HIS C 233 14.39 21.51 -1.36
C HIS C 233 13.36 21.81 -0.29
N MET C 234 13.78 22.61 0.70
CA MET C 234 12.93 22.99 1.82
C MET C 234 11.61 23.61 1.35
N ASP C 235 11.66 24.42 0.28
CA ASP C 235 10.46 25.16 -0.13
C ASP C 235 9.52 24.30 -0.98
N ASP C 236 9.89 23.05 -1.28
CA ASP C 236 9.10 22.23 -2.20
C ASP C 236 7.76 21.83 -1.55
N PRO C 237 6.62 22.19 -2.18
CA PRO C 237 5.30 21.84 -1.63
C PRO C 237 4.98 20.36 -1.79
N SER C 238 5.83 19.64 -2.54
CA SER C 238 5.72 18.20 -2.75
C SER C 238 6.98 17.46 -2.32
N PRO C 239 7.26 17.36 -0.99
CA PRO C 239 8.47 16.69 -0.51
C PRO C 239 8.55 15.20 -0.85
N ARG C 240 9.79 14.75 -1.06
CA ARG C 240 10.02 13.33 -1.33
C ARG C 240 11.08 12.86 -0.36
N GLU C 241 10.89 11.67 0.23
CA GLU C 241 11.87 11.09 1.13
C GLU C 241 13.07 10.53 0.35
N MET C 242 14.27 10.72 0.90
CA MET C 242 15.50 10.20 0.30
C MET C 242 15.67 8.75 0.75
N ILE C 243 15.26 7.82 -0.13
CA ILE C 243 15.29 6.40 0.11
C ILE C 243 15.75 5.70 -1.19
N ASN C 244 16.20 4.43 -1.04
CA ASN C 244 16.50 3.57 -2.20
C ASN C 244 17.46 4.25 -3.15
N ASN C 245 18.50 4.85 -2.56
CA ASN C 245 19.45 5.65 -3.35
C ASN C 245 20.69 4.84 -3.73
N PHE C 246 20.43 3.66 -4.30
CA PHE C 246 21.45 2.71 -4.74
C PHE C 246 21.13 2.38 -6.20
N ARG C 247 22.18 2.07 -6.93
CA ARG C 247 22.03 1.61 -8.32
C ARG C 247 21.84 0.09 -8.30
N GLN C 248 21.01 -0.41 -9.21
CA GLN C 248 20.88 -1.86 -9.41
C GLN C 248 22.23 -2.45 -9.88
N VAL C 249 22.48 -3.74 -9.57
CA VAL C 249 23.70 -4.38 -10.05
C VAL C 249 23.74 -4.46 -11.59
N GLN C 250 24.97 -4.40 -12.09
CA GLN C 250 25.22 -4.37 -13.51
C GLN C 250 25.71 -5.75 -13.96
N LYS C 251 25.45 -6.05 -15.23
CA LYS C 251 26.06 -7.27 -15.79
C LYS C 251 27.57 -7.20 -15.67
N PHE C 252 28.17 -8.35 -15.44
CA PHE C 252 29.61 -8.48 -15.29
C PHE C 252 30.02 -9.83 -15.89
N ASP C 253 30.30 -9.80 -17.18
CA ASP C 253 30.46 -11.01 -18.00
C ASP C 253 31.93 -11.21 -18.37
N GLU C 254 32.37 -12.46 -18.23
CA GLU C 254 33.72 -12.87 -18.60
C GLU C 254 34.75 -12.04 -17.85
N ARG C 255 34.45 -11.72 -16.59
CA ARG C 255 35.40 -10.98 -15.76
C ARG C 255 35.48 -11.62 -14.38
N LEU C 256 36.62 -11.36 -13.71
CA LEU C 256 36.82 -11.84 -12.34
C LEU C 256 36.84 -10.69 -11.34
N VAL C 257 36.51 -11.03 -10.11
CA VAL C 257 36.75 -10.18 -8.96
C VAL C 257 37.87 -10.86 -8.17
N TYR C 258 38.89 -10.09 -7.83
CA TYR C 258 40.08 -10.65 -7.22
C TYR C 258 39.94 -10.51 -5.72
N THR C 259 40.38 -11.53 -4.96
CA THR C 259 40.20 -11.46 -3.54
C THR C 259 41.55 -11.57 -2.85
N SER C 260 41.63 -10.93 -1.68
CA SER C 260 42.90 -10.95 -0.96
C SER C 260 42.93 -12.16 -0.03
N PHE C 261 41.83 -12.88 0.00
CA PHE C 261 41.67 -14.04 0.87
C PHE C 261 41.37 -15.25 0.00
N SER C 262 41.62 -16.44 0.56
CA SER C 262 41.27 -17.63 -0.18
C SER C 262 40.16 -18.41 0.56
N GLN C 263 40.42 -18.69 1.84
CA GLN C 263 39.55 -19.57 2.60
C GLN C 263 38.28 -18.82 3.05
N LYS D 3 18.06 -1.62 -33.17
CA LYS D 3 19.23 -2.54 -33.04
C LYS D 3 19.60 -2.66 -31.56
N TRP D 4 18.59 -2.58 -30.67
CA TRP D 4 18.86 -2.76 -29.24
C TRP D 4 19.43 -4.16 -29.04
N THR D 5 20.24 -4.27 -27.99
CA THR D 5 20.87 -5.53 -27.66
C THR D 5 20.88 -5.73 -26.15
N TYR D 6 21.55 -6.79 -25.68
CA TYR D 6 21.76 -7.00 -24.25
C TYR D 6 23.20 -6.81 -23.81
N PHE D 7 24.04 -6.33 -24.71
CA PHE D 7 25.44 -6.14 -24.34
C PHE D 7 26.02 -5.00 -25.17
N GLY D 8 26.89 -4.19 -24.52
CA GLY D 8 27.62 -3.18 -25.29
C GLY D 8 26.81 -1.90 -25.42
N PRO D 9 27.18 -1.02 -26.36
CA PRO D 9 26.67 0.34 -26.39
C PRO D 9 25.16 0.46 -26.50
N ASP D 10 24.50 -0.54 -27.13
CA ASP D 10 23.06 -0.52 -27.33
C ASP D 10 22.36 -1.45 -26.34
N GLY D 11 23.04 -1.80 -25.26
CA GLY D 11 22.50 -2.68 -24.22
C GLY D 11 21.54 -1.91 -23.30
N GLU D 12 21.14 -2.61 -22.24
CA GLU D 12 19.94 -2.25 -21.53
C GLU D 12 19.99 -0.88 -20.83
N ASN D 13 21.17 -0.39 -20.46
CA ASN D 13 21.23 0.93 -19.88
C ASN D 13 21.01 2.00 -20.92
N SER D 14 21.02 1.66 -22.22
CA SER D 14 20.84 2.65 -23.28
C SER D 14 19.46 2.51 -23.91
N TRP D 15 18.64 1.51 -23.57
CA TRP D 15 17.36 1.34 -24.25
C TRP D 15 16.49 2.58 -24.15
N SER D 16 16.54 3.29 -23.02
CA SER D 16 15.69 4.44 -22.79
C SER D 16 16.01 5.58 -23.76
N LYS D 17 17.17 5.55 -24.40
CA LYS D 17 17.50 6.63 -25.35
C LYS D 17 16.54 6.58 -26.53
N LYS D 18 16.06 5.41 -26.91
CA LYS D 18 15.14 5.21 -28.04
C LYS D 18 13.72 4.85 -27.60
N TYR D 19 13.58 4.26 -26.42
CA TYR D 19 12.33 3.65 -26.00
C TYR D 19 12.03 4.23 -24.64
N PRO D 20 11.34 5.39 -24.56
CA PRO D 20 11.22 6.09 -23.29
C PRO D 20 10.60 5.28 -22.15
N SER D 21 9.70 4.31 -22.46
CA SER D 21 9.10 3.56 -21.35
C SER D 21 10.14 2.69 -20.63
N CYS D 22 11.28 2.38 -21.25
CA CYS D 22 12.30 1.57 -20.60
C CYS D 22 12.91 2.39 -19.47
N GLY D 23 12.76 3.74 -19.41
CA GLY D 23 13.18 4.60 -18.31
C GLY D 23 12.01 5.07 -17.45
N GLY D 24 10.83 4.51 -17.68
CA GLY D 24 9.61 4.86 -16.97
C GLY D 24 9.40 4.05 -15.70
N LEU D 25 8.19 4.12 -15.17
CA LEU D 25 7.92 3.41 -13.92
C LEU D 25 7.47 1.98 -14.27
N LEU D 26 7.37 1.15 -13.20
CA LEU D 26 6.74 -0.16 -13.23
C LEU D 26 7.39 -1.16 -14.19
N GLN D 27 8.72 -1.12 -14.16
CA GLN D 27 9.49 -1.98 -15.06
C GLN D 27 9.63 -3.39 -14.51
N SER D 28 9.78 -4.33 -15.44
CA SER D 28 10.06 -5.73 -15.17
C SER D 28 11.40 -6.10 -15.75
N PRO D 29 12.09 -7.17 -15.32
CA PRO D 29 11.66 -8.05 -14.21
C PRO D 29 12.09 -7.49 -12.87
N ILE D 30 11.77 -8.25 -11.81
CA ILE D 30 12.07 -7.85 -10.44
C ILE D 30 12.54 -9.07 -9.68
N ASP D 31 13.16 -8.76 -8.53
CA ASP D 31 13.55 -9.81 -7.59
C ASP D 31 12.41 -10.10 -6.62
N LEU D 32 12.08 -11.36 -6.46
CA LEU D 32 10.95 -11.78 -5.64
C LEU D 32 11.51 -12.16 -4.28
N HIS D 33 11.36 -11.29 -3.27
CA HIS D 33 11.97 -11.58 -1.97
C HIS D 33 10.95 -11.21 -0.91
N SER D 34 11.21 -11.74 0.31
CA SER D 34 10.17 -11.74 1.32
C SER D 34 9.63 -10.35 1.69
N ASP D 35 10.48 -9.32 1.80
CA ASP D 35 10.01 -8.09 2.36
C ASP D 35 8.92 -7.46 1.48
N ILE D 36 8.86 -7.82 0.18
CA ILE D 36 7.91 -7.18 -0.70
C ILE D 36 6.80 -8.13 -1.13
N LEU D 37 6.70 -9.32 -0.50
CA LEU D 37 5.61 -10.26 -0.80
C LEU D 37 4.44 -10.09 0.15
N GLN D 38 3.23 -10.21 -0.37
CA GLN D 38 2.07 -10.17 0.51
C GLN D 38 1.00 -11.11 -0.04
N TYR D 39 0.49 -11.98 0.82
CA TYR D 39 -0.55 -12.94 0.48
C TYR D 39 -1.82 -12.16 0.16
N ASP D 40 -2.49 -12.57 -0.93
CA ASP D 40 -3.75 -11.95 -1.34
C ASP D 40 -4.71 -13.07 -1.67
N ALA D 41 -5.77 -13.14 -0.82
CA ALA D 41 -6.77 -14.20 -1.04
C ALA D 41 -7.61 -14.02 -2.32
N SER D 42 -7.51 -12.85 -2.96
CA SER D 42 -8.21 -12.67 -4.22
C SER D 42 -7.54 -13.44 -5.37
N LEU D 43 -6.32 -13.97 -5.15
CA LEU D 43 -5.59 -14.57 -6.26
C LEU D 43 -6.01 -16.01 -6.38
N THR D 44 -7.07 -16.21 -7.17
CA THR D 44 -7.66 -17.51 -7.32
C THR D 44 -6.99 -18.24 -8.49
N PRO D 45 -7.19 -19.55 -8.65
CA PRO D 45 -6.45 -20.30 -9.69
C PRO D 45 -6.81 -19.90 -11.10
N LEU D 46 -5.79 -19.81 -11.97
CA LEU D 46 -6.02 -19.59 -13.38
C LEU D 46 -6.39 -20.90 -14.05
N GLU D 47 -7.17 -20.71 -15.12
CA GLU D 47 -7.48 -21.80 -16.01
C GLU D 47 -6.86 -21.57 -17.39
N PHE D 48 -6.26 -22.65 -17.89
CA PHE D 48 -5.49 -22.62 -19.13
C PHE D 48 -6.34 -23.35 -20.17
N GLN D 49 -6.95 -22.57 -21.05
CA GLN D 49 -7.92 -23.07 -22.02
C GLN D 49 -7.34 -23.09 -23.43
N GLY D 50 -7.58 -24.18 -24.14
CA GLY D 50 -7.10 -24.37 -25.50
C GLY D 50 -5.57 -24.43 -25.58
N TYR D 51 -4.92 -24.85 -24.48
CA TYR D 51 -3.46 -25.03 -24.49
C TYR D 51 -3.03 -26.33 -25.14
N ASN D 52 -4.00 -27.26 -25.35
CA ASN D 52 -3.61 -28.52 -25.90
C ASN D 52 -3.69 -28.44 -27.42
N LEU D 53 -2.59 -28.10 -28.07
CA LEU D 53 -2.57 -27.85 -29.52
C LEU D 53 -2.48 -29.17 -30.28
N SER D 54 -3.22 -29.29 -31.39
CA SER D 54 -3.26 -30.53 -32.14
C SER D 54 -1.88 -30.84 -32.74
N ALA D 55 -1.50 -32.11 -32.66
CA ALA D 55 -0.26 -32.57 -33.27
C ALA D 55 -0.34 -32.57 -34.78
N ASN D 56 -1.54 -32.42 -35.36
CA ASN D 56 -1.73 -32.34 -36.79
C ASN D 56 -1.72 -30.92 -37.34
N LYS D 57 -1.57 -29.94 -36.44
CA LYS D 57 -1.42 -28.55 -36.80
C LYS D 57 0.02 -28.16 -36.52
N GLN D 58 0.43 -27.07 -37.16
CA GLN D 58 1.82 -26.63 -37.04
C GLN D 58 1.81 -25.14 -36.70
N PHE D 59 2.84 -24.76 -35.93
CA PHE D 59 2.96 -23.43 -35.32
C PHE D 59 4.35 -22.91 -35.66
N LEU D 60 4.39 -21.61 -35.98
CA LEU D 60 5.63 -21.03 -36.50
C LEU D 60 6.61 -20.64 -35.40
N LEU D 61 7.82 -21.16 -35.49
CA LEU D 61 8.96 -20.81 -34.63
C LEU D 61 9.84 -19.85 -35.42
N THR D 62 10.28 -18.75 -34.78
CA THR D 62 11.03 -17.72 -35.48
C THR D 62 12.16 -17.23 -34.57
N ASN D 63 13.33 -17.02 -35.15
CA ASN D 63 14.40 -16.28 -34.48
C ASN D 63 14.19 -14.80 -34.79
N ASN D 64 13.83 -14.00 -33.78
CA ASN D 64 13.47 -12.61 -34.06
C ASN D 64 14.66 -11.66 -33.82
N GLY D 65 15.82 -12.24 -33.62
CA GLY D 65 17.01 -11.45 -33.33
C GLY D 65 17.18 -11.16 -31.84
N HIS D 66 16.25 -11.61 -30.98
CA HIS D 66 16.34 -11.28 -29.55
C HIS D 66 16.04 -12.50 -28.70
N SER D 67 15.29 -13.44 -29.25
CA SER D 67 14.98 -14.72 -28.60
C SER D 67 14.53 -15.69 -29.69
N VAL D 68 14.05 -16.84 -29.24
CA VAL D 68 13.34 -17.72 -30.14
C VAL D 68 11.87 -17.64 -29.69
N LYS D 69 10.97 -17.51 -30.66
CA LYS D 69 9.56 -17.35 -30.32
C LYS D 69 8.74 -18.35 -31.11
N LEU D 70 7.72 -18.88 -30.45
CA LEU D 70 6.72 -19.74 -31.06
C LEU D 70 5.40 -19.00 -31.06
N ASN D 71 4.82 -18.89 -32.25
CA ASN D 71 3.50 -18.28 -32.40
C ASN D 71 2.41 -19.19 -31.88
N LEU D 72 1.45 -18.59 -31.22
CA LEU D 72 0.38 -19.36 -30.59
C LEU D 72 -0.96 -18.85 -31.14
N PRO D 73 -2.00 -19.69 -31.15
CA PRO D 73 -3.31 -19.31 -31.71
C PRO D 73 -4.18 -18.59 -30.68
N SER D 74 -5.03 -17.65 -31.12
CA SER D 74 -5.75 -16.83 -30.17
C SER D 74 -6.91 -17.60 -29.50
N ASP D 75 -7.17 -18.82 -29.97
CA ASP D 75 -8.14 -19.67 -29.28
C ASP D 75 -7.61 -20.14 -27.93
N MET D 76 -6.29 -20.13 -27.77
CA MET D 76 -5.66 -20.44 -26.48
C MET D 76 -5.80 -19.23 -25.55
N HIS D 77 -6.30 -19.41 -24.28
CA HIS D 77 -6.53 -18.25 -23.45
C HIS D 77 -6.43 -18.60 -21.99
N ILE D 78 -6.30 -17.53 -21.21
CA ILE D 78 -6.31 -17.61 -19.76
C ILE D 78 -7.68 -17.13 -19.31
N GLN D 79 -8.22 -17.84 -18.31
CA GLN D 79 -9.41 -17.42 -17.61
C GLN D 79 -9.09 -17.20 -16.13
N GLY D 80 -9.66 -16.14 -15.54
CA GLY D 80 -9.43 -15.96 -14.12
C GLY D 80 -9.05 -14.53 -13.81
N LEU D 81 -8.59 -13.75 -14.83
CA LEU D 81 -8.14 -12.39 -14.62
C LEU D 81 -9.30 -11.42 -14.82
N GLN D 82 -9.06 -10.10 -14.87
CA GLN D 82 -10.19 -9.14 -14.91
C GLN D 82 -10.80 -9.10 -16.31
N SER D 83 -10.15 -9.70 -17.31
CA SER D 83 -10.57 -9.78 -18.72
C SER D 83 -10.07 -11.11 -19.28
N ARG D 84 -10.60 -11.58 -20.43
CA ARG D 84 -10.06 -12.70 -21.20
C ARG D 84 -8.75 -12.23 -21.83
N TYR D 85 -7.67 -13.00 -21.62
CA TYR D 85 -6.41 -12.79 -22.31
C TYR D 85 -6.15 -13.98 -23.20
N SER D 86 -5.89 -13.69 -24.48
CA SER D 86 -5.65 -14.68 -25.51
C SER D 86 -4.14 -14.80 -25.86
N ALA D 87 -3.70 -16.05 -26.04
CA ALA D 87 -2.26 -16.23 -26.34
C ALA D 87 -1.88 -15.58 -27.66
N THR D 88 -0.61 -15.14 -27.72
CA THR D 88 -0.01 -14.65 -28.97
C THR D 88 1.32 -15.35 -29.30
N GLN D 89 2.18 -15.57 -28.27
CA GLN D 89 3.46 -16.22 -28.55
C GLN D 89 4.07 -16.62 -27.21
N LEU D 90 5.04 -17.52 -27.31
CA LEU D 90 5.92 -17.77 -26.17
C LEU D 90 7.38 -17.64 -26.61
N HIS D 91 8.27 -17.39 -25.65
CA HIS D 91 9.67 -17.25 -25.97
C HIS D 91 10.44 -17.49 -24.68
N LEU D 92 11.80 -17.49 -24.80
CA LEU D 92 12.64 -17.77 -23.64
C LEU D 92 13.75 -16.73 -23.46
N HIS D 93 14.30 -16.78 -22.27
CA HIS D 93 15.47 -15.97 -21.93
C HIS D 93 16.47 -16.88 -21.25
N TRP D 94 17.78 -16.68 -21.51
CA TRP D 94 18.81 -17.59 -21.01
C TRP D 94 20.13 -16.83 -20.87
N GLY D 95 21.10 -17.59 -20.34
CA GLY D 95 22.45 -17.10 -20.04
C GLY D 95 23.43 -17.55 -21.11
N ASN D 96 24.51 -18.23 -20.67
CA ASN D 96 25.49 -18.67 -21.65
C ASN D 96 26.21 -19.86 -21.01
N PRO D 97 27.03 -20.60 -21.79
CA PRO D 97 27.60 -21.84 -21.24
C PRO D 97 28.47 -21.65 -20.01
N ASN D 98 29.13 -20.48 -19.91
CA ASN D 98 29.97 -20.19 -18.76
C ASN D 98 29.19 -19.58 -17.61
N ASP D 99 27.91 -19.20 -17.82
CA ASP D 99 27.12 -18.67 -16.71
C ASP D 99 25.66 -19.02 -17.02
N PRO D 100 25.22 -20.24 -16.74
CA PRO D 100 23.88 -20.70 -17.12
C PRO D 100 22.83 -20.23 -16.11
N HIS D 101 22.73 -18.92 -15.95
CA HIS D 101 21.91 -18.29 -14.91
C HIS D 101 21.22 -17.06 -15.48
N GLY D 102 20.37 -17.29 -16.46
CA GLY D 102 19.80 -16.24 -17.28
C GLY D 102 18.29 -16.06 -17.17
N SER D 103 17.68 -16.48 -16.05
CA SER D 103 16.29 -16.06 -15.86
C SER D 103 16.22 -14.54 -15.73
N GLU D 104 15.05 -13.99 -16.00
CA GLU D 104 14.84 -12.55 -15.80
C GLU D 104 14.43 -12.27 -14.36
N HIS D 105 13.35 -12.87 -13.89
CA HIS D 105 12.99 -12.77 -12.48
C HIS D 105 14.02 -13.55 -11.68
N THR D 106 14.25 -13.07 -10.47
CA THR D 106 15.09 -13.76 -9.51
C THR D 106 14.26 -14.02 -8.26
N VAL D 107 14.66 -15.02 -7.48
CA VAL D 107 13.99 -15.36 -6.24
C VAL D 107 15.02 -15.27 -5.13
N SER D 108 14.74 -14.39 -4.17
CA SER D 108 15.67 -14.16 -3.04
C SER D 108 17.10 -13.91 -3.54
N GLY D 109 17.17 -13.11 -4.59
CA GLY D 109 18.42 -12.70 -5.24
C GLY D 109 19.09 -13.73 -6.16
N GLN D 110 18.45 -14.86 -6.44
N GLN D 110 18.49 -14.88 -6.41
CA GLN D 110 19.04 -15.96 -7.19
CA GLN D 110 19.16 -15.88 -7.23
C GLN D 110 18.39 -16.06 -8.58
C GLN D 110 18.43 -16.02 -8.56
N HIS D 111 19.23 -16.08 -9.61
CA HIS D 111 18.76 -16.44 -10.94
C HIS D 111 18.56 -17.93 -11.07
N PHE D 112 17.54 -18.27 -11.83
CA PHE D 112 17.40 -19.61 -12.36
C PHE D 112 18.16 -19.68 -13.68
N ALA D 113 18.24 -20.88 -14.25
CA ALA D 113 18.99 -21.09 -15.49
C ALA D 113 18.39 -20.31 -16.65
N ALA D 114 17.07 -20.32 -16.76
CA ALA D 114 16.40 -19.71 -17.92
C ALA D 114 14.95 -19.43 -17.49
N GLU D 115 14.18 -18.81 -18.43
CA GLU D 115 12.79 -18.47 -18.09
C GLU D 115 11.98 -18.55 -19.39
N LEU D 116 10.76 -19.08 -19.27
CA LEU D 116 9.79 -19.11 -20.38
C LEU D 116 8.72 -18.09 -20.09
N HIS D 117 8.39 -17.31 -21.14
CA HIS D 117 7.26 -16.37 -21.07
C HIS D 117 6.22 -16.73 -22.11
N ILE D 118 5.00 -16.93 -21.62
CA ILE D 118 3.86 -17.13 -22.54
C ILE D 118 3.03 -15.86 -22.53
N VAL D 119 3.10 -15.13 -23.66
CA VAL D 119 2.50 -13.81 -23.81
C VAL D 119 1.06 -13.91 -24.31
N HIS D 120 0.18 -13.21 -23.56
CA HIS D 120 -1.24 -13.10 -23.93
C HIS D 120 -1.59 -11.62 -23.98
N TYR D 121 -2.69 -11.31 -24.73
CA TYR D 121 -3.19 -9.94 -24.89
C TYR D 121 -4.67 -9.91 -24.52
N ASN D 122 -5.08 -8.72 -24.14
CA ASN D 122 -6.46 -8.44 -23.69
C ASN D 122 -7.38 -8.37 -24.91
N SER D 123 -7.97 -9.53 -25.24
CA SER D 123 -8.81 -9.64 -26.44
C SER D 123 -10.22 -9.11 -26.16
N ASP D 124 -10.53 -8.79 -24.90
CA ASP D 124 -11.82 -8.12 -24.65
C ASP D 124 -11.73 -6.67 -25.08
N LEU D 125 -10.57 -6.06 -25.00
CA LEU D 125 -10.41 -4.64 -25.23
C LEU D 125 -9.79 -4.39 -26.60
N TYR D 126 -8.94 -5.32 -27.10
CA TYR D 126 -8.07 -4.99 -28.22
C TYR D 126 -8.15 -6.04 -29.31
N PRO D 127 -7.97 -5.64 -30.58
CA PRO D 127 -8.17 -6.59 -31.69
C PRO D 127 -7.01 -7.51 -31.99
N ASP D 128 -5.84 -7.18 -31.43
CA ASP D 128 -4.64 -7.94 -31.64
C ASP D 128 -3.57 -7.53 -30.65
N ALA D 129 -2.49 -8.32 -30.55
CA ALA D 129 -1.53 -8.13 -29.49
C ALA D 129 -0.71 -6.85 -29.66
N SER D 130 -0.36 -6.52 -30.93
N SER D 130 -0.35 -6.52 -30.93
CA SER D 130 0.43 -5.32 -31.18
CA SER D 130 0.42 -5.32 -31.20
C SER D 130 -0.34 -4.08 -30.71
C SER D 130 -0.33 -4.08 -30.71
N THR D 131 -1.61 -4.00 -31.09
CA THR D 131 -2.46 -2.90 -30.65
C THR D 131 -2.55 -2.84 -29.12
N ALA D 132 -2.66 -4.00 -28.49
CA ALA D 132 -2.80 -4.08 -27.04
C ALA D 132 -1.54 -3.65 -26.29
N SER D 133 -0.39 -3.89 -26.93
CA SER D 133 0.86 -3.87 -26.21
C SER D 133 1.24 -2.53 -25.56
N ASN D 134 0.75 -1.40 -26.11
CA ASN D 134 1.06 -0.10 -25.53
C ASN D 134 -0.14 0.54 -24.84
N LYS D 135 -1.14 -0.30 -24.55
CA LYS D 135 -2.38 0.24 -24.01
C LYS D 135 -2.72 -0.37 -22.65
N SER D 136 -3.61 0.33 -21.91
CA SER D 136 -3.94 -0.04 -20.55
C SER D 136 -4.45 -1.48 -20.51
N GLU D 137 -3.95 -2.26 -19.51
CA GLU D 137 -4.39 -3.63 -19.33
C GLU D 137 -4.12 -4.53 -20.54
N GLY D 138 -3.14 -4.14 -21.37
CA GLY D 138 -3.08 -4.79 -22.66
C GLY D 138 -2.56 -6.24 -22.66
N LEU D 139 -1.65 -6.59 -21.73
CA LEU D 139 -0.94 -7.90 -21.84
C LEU D 139 -0.94 -8.63 -20.50
N ALA D 140 -0.83 -9.96 -20.60
CA ALA D 140 -0.63 -10.74 -19.39
C ALA D 140 0.38 -11.82 -19.80
N VAL D 141 1.39 -11.99 -18.98
CA VAL D 141 2.42 -12.99 -19.26
C VAL D 141 2.44 -14.06 -18.15
N LEU D 142 2.59 -15.30 -18.55
CA LEU D 142 2.87 -16.37 -17.60
C LEU D 142 4.35 -16.63 -17.68
N ALA D 143 5.02 -16.60 -16.52
CA ALA D 143 6.47 -16.84 -16.47
C ALA D 143 6.77 -18.14 -15.73
N VAL D 144 7.55 -19.00 -16.37
CA VAL D 144 7.98 -20.25 -15.74
C VAL D 144 9.50 -20.17 -15.57
N LEU D 145 9.95 -20.29 -14.31
CA LEU D 145 11.36 -20.35 -14.00
C LEU D 145 11.90 -21.73 -14.34
N ILE D 146 13.07 -21.78 -14.97
CA ILE D 146 13.64 -23.03 -15.45
C ILE D 146 14.97 -23.27 -14.75
N GLU D 147 15.07 -24.40 -14.02
N GLU D 147 15.08 -24.48 -14.18
CA GLU D 147 16.31 -24.77 -13.34
CA GLU D 147 16.23 -24.91 -13.41
C GLU D 147 16.96 -25.93 -14.10
C GLU D 147 16.99 -25.95 -14.25
N MET D 148 18.31 -25.98 -14.08
CA MET D 148 19.07 -27.10 -14.62
C MET D 148 18.78 -28.36 -13.83
N GLY D 149 18.28 -29.38 -14.51
CA GLY D 149 17.92 -30.64 -13.84
C GLY D 149 17.79 -31.77 -14.87
N SER D 150 16.67 -32.48 -14.79
CA SER D 150 16.39 -33.59 -15.71
C SER D 150 15.96 -33.12 -17.10
N PHE D 151 16.29 -33.94 -18.08
CA PHE D 151 15.83 -33.75 -19.45
C PHE D 151 14.32 -33.62 -19.44
N ASN D 152 13.85 -32.65 -20.24
CA ASN D 152 12.44 -32.34 -20.28
C ASN D 152 11.93 -32.60 -21.70
N PRO D 153 11.27 -33.74 -21.97
N PRO D 153 11.14 -33.66 -21.93
CA PRO D 153 10.74 -34.04 -23.30
CA PRO D 153 10.79 -34.00 -23.31
C PRO D 153 9.73 -33.04 -23.87
C PRO D 153 9.83 -32.95 -23.87
N SER D 154 9.03 -32.31 -23.02
CA SER D 154 8.07 -31.33 -23.51
C SER D 154 8.82 -30.09 -24.03
N TYR D 155 9.77 -29.51 -23.26
CA TYR D 155 10.60 -28.42 -23.78
C TYR D 155 11.36 -28.83 -25.03
N ASP D 156 11.71 -30.12 -25.14
CA ASP D 156 12.48 -30.54 -26.30
C ASP D 156 11.62 -30.51 -27.59
N LYS D 157 10.29 -30.44 -27.47
CA LYS D 157 9.42 -30.29 -28.65
C LYS D 157 9.69 -28.92 -29.28
N ILE D 158 10.27 -27.95 -28.53
CA ILE D 158 10.71 -26.68 -29.07
C ILE D 158 12.18 -26.81 -29.45
N PHE D 159 13.00 -27.30 -28.51
CA PHE D 159 14.42 -27.21 -28.70
C PHE D 159 14.95 -28.03 -29.86
N SER D 160 14.24 -29.10 -30.24
CA SER D 160 14.72 -29.93 -31.34
C SER D 160 14.69 -29.19 -32.67
N HIS D 161 14.02 -28.02 -32.72
CA HIS D 161 13.94 -27.24 -33.93
C HIS D 161 14.93 -26.10 -34.00
N LEU D 162 15.78 -25.92 -32.97
CA LEU D 162 16.61 -24.71 -32.91
C LEU D 162 17.60 -24.61 -34.08
N GLN D 163 18.08 -25.75 -34.57
CA GLN D 163 19.06 -25.68 -35.64
C GLN D 163 18.45 -25.22 -36.97
N HIS D 164 17.14 -25.02 -37.06
CA HIS D 164 16.48 -24.52 -38.25
C HIS D 164 16.14 -23.03 -38.16
N VAL D 165 16.41 -22.40 -37.01
CA VAL D 165 16.15 -20.98 -36.84
C VAL D 165 17.41 -20.33 -36.25
N LYS D 166 18.58 -20.74 -36.75
CA LYS D 166 19.83 -20.28 -36.19
C LYS D 166 19.99 -18.75 -36.35
N TYR D 167 19.53 -18.14 -37.45
CA TYR D 167 19.79 -16.73 -37.70
C TYR D 167 18.54 -15.89 -37.70
N LYS D 168 18.77 -14.59 -37.44
CA LYS D 168 17.66 -13.67 -37.34
C LYS D 168 16.81 -13.76 -38.60
N GLY D 169 15.49 -13.87 -38.42
CA GLY D 169 14.53 -13.89 -39.51
C GLY D 169 14.15 -15.30 -39.97
N GLN D 170 14.91 -16.32 -39.59
CA GLN D 170 14.63 -17.69 -39.98
C GLN D 170 13.44 -18.27 -39.20
N GLU D 171 12.71 -19.15 -39.89
CA GLU D 171 11.47 -19.72 -39.38
C GLU D 171 11.43 -21.22 -39.64
N ALA D 172 10.63 -21.89 -38.82
CA ALA D 172 10.48 -23.35 -38.90
C ALA D 172 9.11 -23.66 -38.32
N PHE D 173 8.52 -24.79 -38.72
CA PHE D 173 7.21 -25.17 -38.17
C PHE D 173 7.42 -26.24 -37.09
N VAL D 174 6.67 -26.08 -36.01
CA VAL D 174 6.66 -27.00 -34.87
C VAL D 174 5.27 -27.63 -34.85
N PRO D 175 5.16 -28.98 -34.85
CA PRO D 175 3.86 -29.62 -34.65
C PRO D 175 3.27 -29.24 -33.30
N GLY D 176 1.95 -29.10 -33.20
CA GLY D 176 1.33 -28.76 -31.94
C GLY D 176 1.61 -29.82 -30.87
N PHE D 177 1.61 -29.32 -29.64
CA PHE D 177 1.70 -30.17 -28.45
C PHE D 177 0.99 -29.41 -27.35
N ASN D 178 0.80 -30.09 -26.20
CA ASN D 178 0.10 -29.51 -25.09
C ASN D 178 1.06 -28.55 -24.37
N ILE D 179 0.78 -27.28 -24.53
CA ILE D 179 1.59 -26.22 -23.93
C ILE D 179 1.50 -26.24 -22.41
N GLU D 180 0.42 -26.80 -21.83
CA GLU D 180 0.37 -26.95 -20.39
C GLU D 180 1.51 -27.83 -19.88
N GLU D 181 2.10 -28.67 -20.72
CA GLU D 181 3.24 -29.50 -20.31
C GLU D 181 4.48 -28.66 -20.01
N LEU D 182 4.50 -27.39 -20.44
CA LEU D 182 5.63 -26.53 -20.12
C LEU D 182 5.49 -25.89 -18.75
N LEU D 183 4.31 -25.95 -18.12
CA LEU D 183 4.05 -25.32 -16.85
C LEU D 183 4.46 -26.23 -15.70
N PRO D 184 4.79 -25.62 -14.55
CA PRO D 184 5.24 -26.39 -13.38
C PRO D 184 4.08 -26.99 -12.60
N GLU D 185 4.52 -27.69 -11.55
CA GLU D 185 3.57 -28.25 -10.62
C GLU D 185 2.90 -27.11 -9.85
N ARG D 186 1.64 -27.37 -9.47
CA ARG D 186 0.93 -26.49 -8.54
C ARG D 186 0.84 -25.06 -9.09
N THR D 187 0.27 -24.97 -10.29
CA THR D 187 0.09 -23.68 -10.89
C THR D 187 -0.79 -22.72 -10.09
N ALA D 188 -1.59 -23.22 -9.13
CA ALA D 188 -2.36 -22.33 -8.27
C ALA D 188 -1.48 -21.46 -7.37
N GLU D 189 -0.22 -21.84 -7.20
CA GLU D 189 0.73 -21.06 -6.40
C GLU D 189 1.63 -20.20 -7.32
N TYR D 190 1.40 -18.91 -7.18
CA TYR D 190 2.04 -17.96 -8.07
C TYR D 190 2.25 -16.64 -7.37
N TYR D 191 3.15 -15.83 -7.97
CA TYR D 191 3.40 -14.43 -7.67
C TYR D 191 2.70 -13.61 -8.75
N ARG D 192 2.11 -12.48 -8.37
CA ARG D 192 1.40 -11.61 -9.27
C ARG D 192 1.80 -10.18 -9.02
N TYR D 193 2.10 -9.43 -10.11
CA TYR D 193 2.40 -8.03 -9.95
C TYR D 193 2.17 -7.29 -11.26
N ARG D 194 2.15 -5.96 -11.13
CA ARG D 194 2.01 -5.11 -12.31
C ARG D 194 3.38 -4.67 -12.78
N GLY D 195 3.63 -4.89 -14.09
CA GLY D 195 4.91 -4.46 -14.61
C GLY D 195 4.86 -4.18 -16.10
N SER D 196 5.93 -4.58 -16.77
CA SER D 196 6.18 -4.13 -18.14
C SER D 196 6.67 -5.24 -19.03
N LEU D 197 6.77 -4.97 -20.33
CA LEU D 197 7.62 -5.78 -21.20
C LEU D 197 9.04 -5.66 -20.66
N THR D 198 9.75 -6.80 -20.66
CA THR D 198 11.16 -6.80 -20.28
C THR D 198 12.10 -6.46 -21.41
N THR D 199 11.54 -6.24 -22.60
CA THR D 199 12.33 -5.83 -23.76
C THR D 199 11.73 -4.52 -24.25
N PRO D 200 12.49 -3.72 -25.04
CA PRO D 200 11.89 -2.59 -25.73
C PRO D 200 10.62 -3.02 -26.44
N PRO D 201 9.58 -2.17 -26.48
CA PRO D 201 9.58 -0.81 -25.92
C PRO D 201 9.31 -0.64 -24.44
N CYS D 202 9.27 -1.75 -23.68
CA CYS D 202 9.21 -1.73 -22.21
C CYS D 202 7.86 -1.13 -21.73
N ASN D 203 6.79 -1.29 -22.49
CA ASN D 203 5.53 -0.64 -22.09
C ASN D 203 5.09 -1.19 -20.75
N PRO D 204 4.60 -0.33 -19.83
CA PRO D 204 4.17 -0.82 -18.50
C PRO D 204 2.72 -1.31 -18.55
N THR D 205 2.48 -2.37 -19.31
CA THR D 205 1.15 -2.82 -19.68
C THR D 205 0.95 -4.31 -19.40
N VAL D 206 1.86 -4.89 -18.58
CA VAL D 206 1.84 -6.35 -18.36
C VAL D 206 1.42 -6.70 -16.94
N LEU D 207 0.40 -7.56 -16.90
CA LEU D 207 0.09 -8.25 -15.65
C LEU D 207 0.89 -9.54 -15.62
N TRP D 208 1.82 -9.57 -14.66
CA TRP D 208 2.75 -10.69 -14.54
C TRP D 208 2.21 -11.77 -13.59
N THR D 209 2.34 -13.01 -14.00
CA THR D 209 2.09 -14.18 -13.15
C THR D 209 3.35 -15.04 -13.25
N VAL D 210 4.08 -15.15 -12.15
CA VAL D 210 5.30 -15.99 -12.12
C VAL D 210 4.97 -17.21 -11.24
N PHE D 211 5.02 -18.41 -11.80
CA PHE D 211 4.69 -19.56 -10.98
C PHE D 211 5.73 -19.77 -9.89
N ARG D 212 5.25 -20.23 -8.71
CA ARG D 212 6.11 -20.43 -7.55
C ARG D 212 7.14 -21.51 -7.83
N ASN D 213 6.77 -22.57 -8.51
CA ASN D 213 7.62 -23.71 -8.72
C ASN D 213 8.30 -23.66 -10.08
N PRO D 214 9.58 -24.01 -10.16
CA PRO D 214 10.29 -24.08 -11.44
C PRO D 214 10.01 -25.41 -12.11
N VAL D 215 10.36 -25.47 -13.38
CA VAL D 215 10.50 -26.73 -14.12
C VAL D 215 11.98 -26.97 -14.31
N GLN D 216 12.32 -28.17 -14.78
CA GLN D 216 13.69 -28.55 -15.03
C GLN D 216 13.88 -28.86 -16.50
N ILE D 217 15.02 -28.45 -17.08
CA ILE D 217 15.54 -28.98 -18.34
C ILE D 217 17.01 -29.37 -18.11
N SER D 218 17.56 -30.23 -18.97
CA SER D 218 18.90 -30.71 -18.67
C SER D 218 20.00 -29.75 -19.04
N GLN D 219 21.19 -29.99 -18.52
CA GLN D 219 22.37 -29.30 -18.97
C GLN D 219 22.52 -29.34 -20.49
N GLU D 220 22.28 -30.48 -21.10
CA GLU D 220 22.50 -30.59 -22.52
C GLU D 220 21.44 -29.76 -23.25
N GLN D 221 20.19 -29.70 -22.74
CA GLN D 221 19.21 -28.85 -23.40
C GLN D 221 19.57 -27.38 -23.23
N LEU D 222 20.05 -26.97 -22.05
CA LEU D 222 20.45 -25.60 -21.83
C LEU D 222 21.63 -25.25 -22.74
N LEU D 223 22.62 -26.13 -22.86
CA LEU D 223 23.79 -25.84 -23.68
C LEU D 223 23.33 -25.68 -25.12
N ALA D 224 22.41 -26.54 -25.56
CA ALA D 224 21.92 -26.41 -26.93
C ALA D 224 21.25 -25.07 -27.13
N LEU D 225 20.39 -24.67 -26.20
CA LEU D 225 19.72 -23.40 -26.29
C LEU D 225 20.70 -22.25 -26.34
N GLU D 226 21.74 -22.31 -25.51
CA GLU D 226 22.74 -21.27 -25.32
C GLU D 226 23.71 -21.16 -26.50
N THR D 227 23.78 -22.16 -27.36
CA THR D 227 24.78 -22.18 -28.44
C THR D 227 24.13 -22.29 -29.80
N ALA D 228 22.83 -22.40 -29.90
CA ALA D 228 22.22 -22.65 -31.20
C ALA D 228 22.07 -21.36 -32.00
N LEU D 229 21.85 -20.21 -31.39
CA LEU D 229 21.23 -19.12 -32.13
C LEU D 229 22.16 -17.92 -32.19
N TYR D 230 21.90 -17.08 -33.21
CA TYR D 230 22.56 -15.78 -33.41
C TYR D 230 21.53 -14.67 -33.43
N CYS D 231 21.88 -13.48 -32.94
CA CYS D 231 20.92 -12.35 -33.01
C CYS D 231 21.04 -11.69 -34.39
N THR D 232 22.03 -12.09 -35.21
CA THR D 232 22.27 -11.42 -36.49
C THR D 232 21.73 -12.26 -37.64
N HIS D 233 21.51 -11.56 -38.76
CA HIS D 233 21.16 -12.22 -39.98
C HIS D 233 22.31 -13.09 -40.48
N MET D 234 21.95 -14.12 -41.22
CA MET D 234 22.94 -15.09 -41.71
C MET D 234 24.07 -14.43 -42.50
N ASP D 235 23.76 -13.33 -43.21
CA ASP D 235 24.78 -12.69 -44.06
C ASP D 235 25.57 -11.60 -43.35
N ASP D 236 25.39 -11.40 -42.04
CA ASP D 236 25.99 -10.30 -41.32
C ASP D 236 27.50 -10.56 -41.19
N PRO D 237 28.38 -9.63 -41.64
CA PRO D 237 29.83 -9.83 -41.47
C PRO D 237 30.32 -9.77 -40.02
N SER D 238 29.43 -9.34 -39.10
CA SER D 238 29.78 -9.22 -37.69
C SER D 238 28.77 -10.01 -36.86
N PRO D 239 28.84 -11.35 -36.85
CA PRO D 239 27.84 -12.17 -36.14
C PRO D 239 27.89 -11.99 -34.63
N ARG D 240 26.72 -12.08 -34.01
CA ARG D 240 26.68 -12.03 -32.55
C ARG D 240 25.84 -13.23 -32.06
N GLU D 241 26.43 -14.06 -31.18
CA GLU D 241 25.71 -15.17 -30.55
C GLU D 241 24.63 -14.65 -29.61
N MET D 242 23.47 -15.33 -29.70
CA MET D 242 22.34 -14.96 -28.89
C MET D 242 22.44 -15.63 -27.49
N ILE D 243 23.05 -14.87 -26.57
CA ILE D 243 23.33 -15.34 -25.21
C ILE D 243 22.98 -14.19 -24.28
N ASN D 244 22.73 -14.52 -23.01
CA ASN D 244 22.55 -13.55 -21.94
C ASN D 244 21.47 -12.54 -22.34
N ASN D 245 20.33 -13.05 -22.85
CA ASN D 245 19.28 -12.20 -23.37
C ASN D 245 18.21 -12.01 -22.29
N PHE D 246 18.66 -11.55 -21.14
CA PHE D 246 17.79 -11.22 -20.01
C PHE D 246 18.12 -9.81 -19.54
N ARG D 247 17.11 -9.12 -19.04
CA ARG D 247 17.29 -7.80 -18.43
C ARG D 247 17.60 -7.94 -16.95
N GLN D 248 18.45 -7.05 -16.41
CA GLN D 248 18.60 -6.97 -14.96
C GLN D 248 17.29 -6.65 -14.27
N VAL D 249 17.24 -7.05 -12.99
CA VAL D 249 16.03 -6.70 -12.25
C VAL D 249 15.98 -5.16 -12.01
N GLN D 250 14.74 -4.71 -11.79
CA GLN D 250 14.37 -3.29 -11.74
C GLN D 250 13.98 -2.86 -10.33
N LYS D 251 14.08 -1.56 -10.09
CA LYS D 251 13.57 -1.00 -8.83
C LYS D 251 12.07 -1.25 -8.71
N PHE D 252 11.63 -1.51 -7.47
CA PHE D 252 10.22 -1.78 -7.18
C PHE D 252 9.27 -0.59 -7.41
N ASP D 253 9.70 0.68 -7.22
CA ASP D 253 8.77 1.80 -7.46
C ASP D 253 7.52 1.67 -6.58
N GLU D 254 7.71 1.20 -5.32
CA GLU D 254 6.66 1.11 -4.29
C GLU D 254 5.71 -0.07 -4.48
N ARG D 255 5.89 -0.85 -5.54
CA ARG D 255 5.04 -2.02 -5.76
C ARG D 255 5.29 -3.08 -4.69
N LEU D 256 4.22 -3.87 -4.41
CA LEU D 256 4.33 -5.17 -3.75
C LEU D 256 4.09 -6.23 -4.82
N VAL D 257 4.51 -7.43 -4.46
CA VAL D 257 4.20 -8.61 -5.25
C VAL D 257 3.26 -9.44 -4.41
N TYR D 258 2.12 -9.76 -4.99
CA TYR D 258 1.07 -10.49 -4.28
C TYR D 258 1.21 -11.97 -4.54
N THR D 259 0.96 -12.79 -3.50
CA THR D 259 1.15 -14.21 -3.68
C THR D 259 -0.17 -14.93 -3.40
N SER D 260 -0.36 -16.05 -4.09
CA SER D 260 -1.57 -16.87 -3.88
C SER D 260 -1.32 -17.92 -2.79
N PHE D 261 -0.15 -17.85 -2.16
CA PHE D 261 0.28 -18.82 -1.14
C PHE D 261 0.82 -18.02 0.03
N SER D 262 0.75 -18.57 1.23
CA SER D 262 1.47 -17.95 2.38
C SER D 262 2.63 -18.90 2.70
N GLN D 263 2.25 -20.16 2.64
CA GLN D 263 3.01 -21.41 2.64
C GLN D 263 4.43 -21.25 3.13
#